data_6WPH
#
_entry.id   6WPH
#
_cell.length_a   165.980
_cell.length_b   168.054
_cell.length_c   101.916
_cell.angle_alpha   90.000
_cell.angle_beta   90.000
_cell.angle_gamma   90.000
#
_symmetry.space_group_name_H-M   'C 2 2 21'
#
loop_
_entity.id
_entity.type
_entity.pdbx_description
1 polymer 'Reverse transcriptase/ribonuclease H'
2 polymer 'p51 RT'
3 polymer 'DNA Primer 21-mer'
4 polymer 'DNA template 27-mer'
5 non-polymer 'MAGNESIUM ION'
6 non-polymer '[(2R,5S)-5-(4-amino-5-fluoro-2-oxopyrimidin-1(2H)-yl)-1,3-oxathiolan-2-yl]methyl dihydrogen phosphate'
7 non-polymer 'SULFATE ION'
8 non-polymer "2'-DEOXYGUANOSINE-5'-MONOPHOSPHATE"
9 water water
#
loop_
_entity_poly.entity_id
_entity_poly.type
_entity_poly.pdbx_seq_one_letter_code
_entity_poly.pdbx_strand_id
1 'polypeptide(L)'
;PISPIETVPVKLKPGMDGPKVKQWPLTEEKIKALVEICTEMEKEGKISKIGPENPYNTPVFAIKKKDSTKWRKLVDFREL
NKRTQDFWEVQLGIPHPAGLKKKKSVTVLDVGDAYFSVPLDEDFRKYTAFTIPSINNETPGIRYQYNVLPQGWKGSPAIF
QSSMTKILEPFRKQNPDIVIYQYMDDLYVGSDLEIGQHRTKIEELRQHLLRWGLTTPDKKHQKEPPFLWMGYELHPDKWT
VQPIVLPEKDSWTVNDICKLVGKLNWASQIYPGIKVRQLSKLLRGTKALTEVIPLTEEAELELAENREILKEPVHGVYYD
PSKDLIAEIQKQGQGQWTYQIYQEPFKNLKTGKYARMRGAHTNDVKQLTEAVQKITTESIVIWGKTPKFKLPIQKETWET
WWTEYWQATWIPEWEFVNTPPLVKLWYQLEKEPIVGAETFYVDGAANRETKLGKAGYVTNRGRQKVVTLTDTTNQKTELQ
AIYLALQDSGLEVNIVTDSQYALGIIQAQPDQSESELVNQIIEQLIKKEKVYLAWVPAHKGIGGNEQVDKLVSAGIRKVL
;
A
2 'polypeptide(L)'
;MGSSHHHHHHSSPISPIETVPVKLKPGMDGPKVKQWPLTEEKIKALVEICTEMEKEGKISKIGPENPYNTPVFAIKKKDS
TKWRKLVDFRELNKRTQDFWEVQLGIPHPAGLKKKKSVTVLDVGDAYFSVPLDEDFRKYTAFTIPSINNETPGIRYQYNV
LPQGWKGSPAIFQSSMTKILEPFRKQNPDIVIYQYMDDLYVGSDLEIGQHRTKIEELRQHLLRWGLTTPDKKHQKEPPFL
WMGYELHPDKWTVQPIVLPEKDSWTVNDIQKLVGKLNWASQIYPGIKVRQLSKLLRGTKALTEVIPLTEEAELELAENRE
ILKEPVHGVYYDPSKDLIAEIQKQGQGQWTYQIYQEPFKNLKTGKYARMRGAHTNDVKQLTEAVQKITTESIVIWGKTPK
FKLPIQKETWETWWTEYWQATWIPEWEFVNTPPLVKLWYQLEKEPIVGAETF
;
B
3 'polydeoxyribonucleotide'
;(DA)(DC)(DA)(DG)(DT)(DC)(DC)(DC)(DT)(DG)(DT)(DT)(DC)(DG)(DG)(G47)(DC)(DG)(DC)
(DC)(DG)
;
P
4 'polydeoxyribonucleotide'
;(DA)(DT)(DG)(DG)(DG)(DC)(DG)(DG)(DC)(DG)(DC)(DC)(DC)(DG)(DA)(DA)(DC)(DA)(DG)(DG)
(DG)(DA)(DC)(DT)(DG)(DT)(DG)
;
T
#
# COMPACT_ATOMS: atom_id res chain seq x y z
N PRO A 1 -2.31 41.33 -14.66
CA PRO A 1 -3.77 41.39 -14.55
C PRO A 1 -4.39 40.23 -13.77
N ILE A 2 -5.70 40.11 -13.92
CA ILE A 2 -6.50 39.10 -13.25
C ILE A 2 -7.03 38.14 -14.30
N SER A 3 -6.89 36.85 -14.01
CA SER A 3 -7.21 35.82 -14.99
C SER A 3 -8.71 35.78 -15.25
N PRO A 4 -9.15 35.72 -16.51
CA PRO A 4 -10.57 35.54 -16.79
C PRO A 4 -11.05 34.10 -16.65
N ILE A 5 -10.24 33.24 -16.05
CA ILE A 5 -10.70 31.91 -15.68
C ILE A 5 -11.90 32.05 -14.76
N GLU A 6 -12.92 31.22 -15.00
CA GLU A 6 -14.04 31.14 -14.09
C GLU A 6 -13.55 30.79 -12.69
N THR A 7 -14.21 31.34 -11.68
CA THR A 7 -13.81 31.07 -10.32
C THR A 7 -14.27 29.68 -9.90
N VAL A 8 -13.74 29.23 -8.77
CA VAL A 8 -14.03 27.92 -8.21
C VAL A 8 -14.90 28.13 -6.97
N PRO A 9 -16.13 27.63 -6.96
CA PRO A 9 -17.02 27.86 -5.81
C PRO A 9 -16.53 27.13 -4.57
N VAL A 10 -16.42 27.88 -3.46
CA VAL A 10 -15.97 27.34 -2.19
C VAL A 10 -16.95 27.78 -1.12
N LYS A 11 -17.29 26.86 -0.21
CA LYS A 11 -18.23 27.14 0.86
C LYS A 11 -17.50 27.04 2.20
N LEU A 12 -18.14 27.57 3.24
CA LEU A 12 -17.68 27.28 4.58
C LEU A 12 -18.17 25.89 4.96
N LYS A 13 -17.59 25.34 6.02
CA LYS A 13 -18.06 24.05 6.48
C LYS A 13 -19.51 24.20 6.98
N PRO A 14 -20.26 23.09 7.02
CA PRO A 14 -21.68 23.17 7.44
C PRO A 14 -21.92 24.01 8.68
N GLY A 15 -22.71 25.07 8.52
CA GLY A 15 -23.10 25.95 9.61
C GLY A 15 -21.99 26.65 10.36
N MET A 16 -21.13 27.40 9.67
CA MET A 16 -20.05 28.14 10.31
C MET A 16 -19.98 29.55 9.73
N ASP A 17 -19.10 30.37 10.31
CA ASP A 17 -19.00 31.78 9.95
C ASP A 17 -17.56 32.16 9.69
N GLY A 18 -17.36 33.37 9.17
CA GLY A 18 -16.05 33.85 8.86
C GLY A 18 -15.29 34.27 10.10
N PRO A 19 -14.00 34.54 9.90
CA PRO A 19 -13.12 34.83 11.05
C PRO A 19 -13.39 36.21 11.65
N LYS A 20 -13.21 36.29 12.98
CA LYS A 20 -13.39 37.52 13.74
C LYS A 20 -12.20 37.74 14.66
N VAL A 21 -11.00 37.67 14.10
CA VAL A 21 -9.75 37.78 14.86
C VAL A 21 -9.17 39.17 14.67
N LYS A 22 -8.72 39.78 15.78
CA LYS A 22 -8.18 41.14 15.75
C LYS A 22 -6.71 41.14 15.31
N GLN A 23 -6.34 42.18 14.56
CA GLN A 23 -4.98 42.37 14.09
C GLN A 23 -4.02 42.54 15.27
N TRP A 24 -2.74 42.29 15.01
CA TRP A 24 -1.66 42.52 15.95
C TRP A 24 -0.76 43.66 15.45
N PRO A 25 0.16 44.15 16.28
CA PRO A 25 1.05 45.22 15.82
C PRO A 25 2.08 44.73 14.81
N LEU A 26 2.41 45.62 13.87
CA LEU A 26 3.40 45.34 12.84
C LEU A 26 4.48 46.41 12.87
N THR A 27 5.67 46.04 12.37
CA THR A 27 6.82 46.91 12.37
C THR A 27 6.64 48.05 11.36
N GLU A 28 7.60 48.98 11.35
CA GLU A 28 7.55 50.05 10.37
C GLU A 28 7.88 49.54 8.97
N GLU A 29 8.90 48.68 8.86
CA GLU A 29 9.25 48.12 7.54
C GLU A 29 8.15 47.20 7.03
N LYS A 30 7.58 46.38 7.90
CA LYS A 30 6.48 45.51 7.51
C LYS A 30 5.26 46.32 7.09
N ILE A 31 4.93 47.38 7.83
CA ILE A 31 3.76 48.20 7.49
C ILE A 31 4.00 48.93 6.16
N LYS A 32 5.21 49.44 5.93
CA LYS A 32 5.50 50.12 4.67
C LYS A 32 5.40 49.15 3.48
N ALA A 33 6.00 47.94 3.61
CA ALA A 33 5.88 46.95 2.55
C ALA A 33 4.42 46.55 2.31
N LEU A 34 3.67 46.33 3.40
CA LEU A 34 2.26 45.99 3.27
C LEU A 34 1.47 47.08 2.57
N VAL A 35 1.71 48.34 2.94
CA VAL A 35 0.92 49.44 2.38
C VAL A 35 1.23 49.63 0.91
N GLU A 36 2.51 49.53 0.54
CA GLU A 36 2.87 49.59 -0.88
C GLU A 36 2.20 48.46 -1.67
N ILE A 37 2.36 47.21 -1.18
CA ILE A 37 1.70 46.07 -1.80
C ILE A 37 0.19 46.30 -1.92
N CYS A 38 -0.43 46.87 -0.88
CA CYS A 38 -1.89 46.97 -0.84
C CYS A 38 -2.43 48.08 -1.73
N THR A 39 -1.77 49.23 -1.80
CA THR A 39 -2.24 50.21 -2.77
C THR A 39 -2.04 49.69 -4.19
N GLU A 40 -0.91 49.02 -4.45
CA GLU A 40 -0.68 48.49 -5.80
C GLU A 40 -1.71 47.42 -6.17
N MET A 41 -2.07 46.57 -5.21
CA MET A 41 -3.09 45.55 -5.47
C MET A 41 -4.46 46.17 -5.60
N GLU A 42 -4.71 47.29 -4.91
CA GLU A 42 -6.03 47.90 -5.00
C GLU A 42 -6.22 48.55 -6.36
N LYS A 43 -5.17 49.15 -6.93
CA LYS A 43 -5.26 49.65 -8.29
C LYS A 43 -5.70 48.54 -9.25
N GLU A 44 -5.09 47.36 -9.13
CA GLU A 44 -5.36 46.26 -10.04
C GLU A 44 -6.62 45.48 -9.71
N GLY A 45 -7.34 45.84 -8.65
CA GLY A 45 -8.56 45.14 -8.32
C GLY A 45 -8.36 43.79 -7.67
N LYS A 46 -7.14 43.46 -7.27
CA LYS A 46 -6.90 42.22 -6.54
C LYS A 46 -7.39 42.32 -5.10
N ILE A 47 -7.54 43.53 -4.57
CA ILE A 47 -8.13 43.72 -3.26
C ILE A 47 -9.08 44.91 -3.34
N SER A 48 -10.22 44.77 -2.70
CA SER A 48 -11.26 45.80 -2.69
C SER A 48 -11.39 46.35 -1.29
N LYS A 49 -11.34 47.68 -1.17
CA LYS A 49 -11.59 48.32 0.11
C LYS A 49 -12.99 47.98 0.59
N ILE A 50 -13.12 47.76 1.90
CA ILE A 50 -14.39 47.45 2.53
C ILE A 50 -14.61 48.41 3.70
N GLY A 51 -15.86 48.48 4.14
CA GLY A 51 -16.23 49.37 5.22
C GLY A 51 -16.97 48.67 6.34
N PRO A 52 -18.03 49.30 6.86
CA PRO A 52 -18.77 48.69 7.98
C PRO A 52 -19.52 47.44 7.59
N GLU A 53 -19.88 47.27 6.31
CA GLU A 53 -20.66 46.12 5.89
C GLU A 53 -19.96 44.79 6.11
N ASN A 54 -18.69 44.79 6.53
CA ASN A 54 -17.92 43.57 6.71
C ASN A 54 -17.65 43.33 8.20
N PRO A 55 -18.21 42.27 8.82
CA PRO A 55 -17.93 42.02 10.23
C PRO A 55 -16.56 41.40 10.48
N TYR A 56 -16.12 40.60 9.51
CA TYR A 56 -15.01 39.68 9.68
C TYR A 56 -13.67 40.41 9.57
N ASN A 57 -12.64 39.79 10.15
CA ASN A 57 -11.28 40.26 10.00
C ASN A 57 -10.32 39.20 10.53
N THR A 58 -9.14 39.13 9.94
CA THR A 58 -8.13 38.15 10.31
C THR A 58 -6.75 38.76 10.11
N PRO A 59 -5.73 38.30 10.85
CA PRO A 59 -4.44 39.02 10.88
C PRO A 59 -3.60 38.85 9.62
N VAL A 60 -2.65 39.78 9.47
CA VAL A 60 -1.87 39.94 8.24
C VAL A 60 -0.45 40.37 8.61
N PHE A 61 0.53 39.80 7.91
CA PHE A 61 1.94 40.10 8.14
C PHE A 61 2.70 39.94 6.81
N ALA A 62 4.02 40.00 6.89
CA ALA A 62 4.86 39.85 5.71
C ALA A 62 6.20 39.30 6.14
N ILE A 63 6.90 38.70 5.18
CA ILE A 63 8.23 38.14 5.43
C ILE A 63 9.16 38.49 4.27
N LYS A 64 10.45 38.57 4.57
CA LYS A 64 11.43 38.78 3.51
C LYS A 64 11.54 37.52 2.66
N LYS A 65 11.74 37.70 1.35
CA LYS A 65 11.82 36.61 0.40
C LYS A 65 13.27 36.24 0.11
N LYS A 66 13.46 35.25 -0.77
CA LYS A 66 14.79 34.91 -1.28
C LYS A 66 15.31 35.95 -2.26
N ASP A 67 14.41 36.69 -2.92
CA ASP A 67 14.77 37.93 -3.58
C ASP A 67 14.85 39.06 -2.56
N SER A 68 15.69 40.04 -2.84
CA SER A 68 16.20 40.96 -1.81
C SER A 68 15.13 41.81 -1.13
N THR A 69 14.53 42.74 -1.87
CA THR A 69 13.63 43.74 -1.29
C THR A 69 12.17 43.35 -1.35
N LYS A 70 11.82 42.32 -2.13
CA LYS A 70 10.44 41.88 -2.25
C LYS A 70 9.97 41.25 -0.95
N TRP A 71 8.84 41.72 -0.44
CA TRP A 71 8.18 41.16 0.73
C TRP A 71 7.03 40.27 0.28
N ARG A 72 6.92 39.09 0.89
CA ARG A 72 5.76 38.24 0.70
C ARG A 72 4.69 38.62 1.71
N LYS A 73 3.48 38.89 1.21
CA LYS A 73 2.34 39.25 2.04
C LYS A 73 1.57 37.98 2.42
N LEU A 74 1.34 37.79 3.72
CA LEU A 74 0.76 36.57 4.24
C LEU A 74 -0.35 36.89 5.23
N VAL A 75 -1.33 36.01 5.32
CA VAL A 75 -2.46 36.15 6.23
C VAL A 75 -2.50 34.92 7.12
N ASP A 76 -2.76 35.12 8.41
CA ASP A 76 -2.96 33.99 9.33
C ASP A 76 -4.42 33.56 9.25
N PHE A 77 -4.73 32.81 8.19
CA PHE A 77 -6.07 32.32 7.93
C PHE A 77 -6.41 31.04 8.70
N ARG A 78 -5.70 30.76 9.79
CA ARG A 78 -5.89 29.50 10.49
C ARG A 78 -7.33 29.30 10.90
N GLU A 79 -7.98 30.38 11.36
CA GLU A 79 -9.38 30.26 11.75
C GLU A 79 -10.27 30.03 10.53
N LEU A 80 -10.15 30.89 9.52
CA LEU A 80 -10.88 30.66 8.28
C LEU A 80 -10.60 29.26 7.73
N ASN A 81 -9.32 28.85 7.71
CA ASN A 81 -8.97 27.50 7.25
C ASN A 81 -9.76 26.42 8.00
N LYS A 82 -9.79 26.49 9.34
CA LYS A 82 -10.65 25.61 10.12
C LYS A 82 -12.07 25.62 9.57
N ARG A 83 -12.65 26.82 9.38
CA ARG A 83 -14.05 26.91 8.95
C ARG A 83 -14.26 26.58 7.48
N THR A 84 -13.21 26.57 6.67
CA THR A 84 -13.37 26.40 5.23
C THR A 84 -13.51 24.92 4.87
N GLN A 85 -14.32 24.66 3.84
CA GLN A 85 -14.60 23.31 3.37
C GLN A 85 -13.32 22.55 3.03
N ASP A 86 -13.46 21.23 2.88
CA ASP A 86 -12.35 20.39 2.50
C ASP A 86 -12.16 20.39 1.00
N PHE A 87 -10.91 20.25 0.57
CA PHE A 87 -10.56 20.13 -0.83
C PHE A 87 -9.88 18.80 -1.07
N TRP A 88 -9.91 18.35 -2.32
CA TRP A 88 -9.06 17.26 -2.74
C TRP A 88 -7.80 17.85 -3.35
N GLU A 89 -6.68 17.76 -2.63
CA GLU A 89 -5.42 18.24 -3.16
C GLU A 89 -5.11 17.54 -4.46
N VAL A 90 -4.68 18.31 -5.47
CA VAL A 90 -4.38 17.75 -6.79
C VAL A 90 -2.89 17.63 -7.05
N GLN A 91 -2.05 18.05 -6.12
CA GLN A 91 -0.60 17.94 -6.28
C GLN A 91 -0.17 16.60 -5.67
N LEU A 92 -0.09 15.57 -6.52
CA LEU A 92 0.05 14.18 -6.07
C LEU A 92 1.47 13.81 -5.71
N GLY A 93 2.44 14.64 -6.06
CA GLY A 93 3.83 14.36 -5.79
C GLY A 93 4.71 15.43 -6.41
N ILE A 94 6.02 15.23 -6.25
CA ILE A 94 7.02 16.23 -6.59
C ILE A 94 7.76 15.73 -7.82
N PRO A 95 7.83 16.50 -8.90
CA PRO A 95 8.56 16.03 -10.08
C PRO A 95 10.04 15.89 -9.77
N HIS A 96 10.67 14.93 -10.44
CA HIS A 96 12.06 14.64 -10.14
C HIS A 96 12.88 14.72 -11.43
N PRO A 97 14.06 15.35 -11.39
CA PRO A 97 14.81 15.58 -12.63
C PRO A 97 15.25 14.30 -13.30
N ALA A 98 15.53 13.24 -12.53
CA ALA A 98 15.85 11.95 -13.13
C ALA A 98 14.74 11.46 -14.05
N GLY A 99 13.54 12.02 -13.91
CA GLY A 99 12.43 11.64 -14.73
C GLY A 99 12.33 12.39 -16.03
N LEU A 100 13.12 13.45 -16.19
CA LEU A 100 13.10 14.23 -17.42
C LEU A 100 13.82 13.49 -18.54
N LYS A 101 13.28 13.63 -19.75
CA LYS A 101 13.93 13.11 -20.94
C LYS A 101 14.75 14.24 -21.55
N LYS A 102 15.82 13.88 -22.27
CA LYS A 102 16.62 14.89 -22.94
C LYS A 102 15.75 15.65 -23.93
N LYS A 103 15.85 16.98 -23.90
CA LYS A 103 15.16 17.84 -24.86
C LYS A 103 16.15 18.69 -25.63
N LYS A 104 15.84 18.92 -26.91
CA LYS A 104 16.67 19.78 -27.72
C LYS A 104 16.73 21.19 -27.14
N SER A 105 15.62 21.68 -26.60
CA SER A 105 15.56 23.06 -26.14
C SER A 105 14.72 23.16 -24.88
N VAL A 106 15.21 23.94 -23.91
CA VAL A 106 14.62 24.01 -22.58
C VAL A 106 14.49 25.47 -22.15
N THR A 107 13.38 25.78 -21.49
CA THR A 107 13.14 27.08 -20.87
C THR A 107 12.58 26.85 -19.47
N VAL A 108 12.88 27.75 -18.54
CA VAL A 108 12.23 27.72 -17.23
C VAL A 108 11.66 29.11 -16.97
N LEU A 109 10.36 29.16 -16.67
CA LEU A 109 9.64 30.39 -16.40
C LEU A 109 9.01 30.31 -15.02
N ASP A 110 8.82 31.46 -14.40
CA ASP A 110 8.00 31.58 -13.22
C ASP A 110 6.90 32.58 -13.51
N VAL A 111 5.69 32.27 -13.04
CA VAL A 111 4.58 33.22 -13.10
C VAL A 111 4.71 34.18 -11.92
N GLY A 112 4.60 35.48 -12.20
CA GLY A 112 4.74 36.48 -11.14
C GLY A 112 3.45 36.62 -10.36
N ASP A 113 3.59 36.72 -9.04
CA ASP A 113 2.47 37.02 -8.15
C ASP A 113 1.28 36.11 -8.46
N ALA A 114 1.58 34.82 -8.58
CA ALA A 114 0.68 33.88 -9.25
C ALA A 114 -0.70 33.80 -8.57
N TYR A 115 -0.72 33.46 -7.27
CA TYR A 115 -2.00 33.42 -6.55
C TYR A 115 -2.81 34.69 -6.79
N PHE A 116 -2.16 35.83 -6.78
CA PHE A 116 -2.86 37.10 -6.87
C PHE A 116 -3.34 37.41 -8.28
N SER A 117 -3.23 36.45 -9.20
CA SER A 117 -3.74 36.64 -10.56
C SER A 117 -4.95 35.78 -10.85
N VAL A 118 -5.45 35.02 -9.87
CA VAL A 118 -6.53 34.09 -10.07
C VAL A 118 -7.73 34.55 -9.24
N PRO A 119 -8.90 34.78 -9.86
CA PRO A 119 -10.01 35.35 -9.11
C PRO A 119 -10.55 34.37 -8.08
N LEU A 120 -10.97 34.92 -6.95
CA LEU A 120 -11.62 34.18 -5.88
C LEU A 120 -13.13 34.28 -6.04
N ASP A 121 -13.82 33.17 -5.74
CA ASP A 121 -15.28 33.09 -5.73
C ASP A 121 -15.88 34.28 -5.00
N GLU A 122 -16.78 35.00 -5.69
CA GLU A 122 -17.27 36.29 -5.17
C GLU A 122 -17.92 36.14 -3.80
N ASP A 123 -18.71 35.07 -3.62
CA ASP A 123 -19.42 34.86 -2.35
C ASP A 123 -18.47 34.74 -1.17
N PHE A 124 -17.29 34.18 -1.39
CA PHE A 124 -16.35 33.88 -0.32
C PHE A 124 -15.45 35.05 0.05
N ARG A 125 -15.38 36.09 -0.78
CA ARG A 125 -14.39 37.15 -0.58
C ARG A 125 -14.52 37.82 0.79
N LYS A 126 -15.73 37.87 1.37
CA LYS A 126 -15.91 38.65 2.59
C LYS A 126 -15.19 38.02 3.78
N TYR A 127 -15.08 36.70 3.84
CA TYR A 127 -14.38 36.06 4.94
C TYR A 127 -12.89 36.34 4.94
N THR A 128 -12.36 36.96 3.88
CA THR A 128 -10.94 37.21 3.72
C THR A 128 -10.54 38.62 4.18
N ALA A 129 -11.34 39.27 5.01
CA ALA A 129 -11.09 40.67 5.35
C ALA A 129 -9.86 40.82 6.24
N PHE A 130 -9.17 41.96 6.08
CA PHE A 130 -8.01 42.29 6.91
C PHE A 130 -7.82 43.79 6.96
N THR A 131 -7.21 44.27 8.06
CA THR A 131 -6.85 45.68 8.25
C THR A 131 -5.35 45.88 8.21
N ILE A 132 -4.95 47.13 7.99
CA ILE A 132 -3.55 47.55 8.02
C ILE A 132 -3.42 48.70 9.01
N PRO A 133 -2.48 48.66 9.97
CA PRO A 133 -2.26 49.78 10.90
C PRO A 133 -1.40 50.89 10.32
N ILE A 142 -7.04 51.21 7.38
CA ILE A 142 -7.46 50.82 6.03
C ILE A 142 -7.87 49.34 5.98
N ARG A 143 -9.11 49.08 5.56
CA ARG A 143 -9.71 47.75 5.55
C ARG A 143 -9.93 47.29 4.11
N TYR A 144 -9.36 46.14 3.76
CA TYR A 144 -9.54 45.56 2.43
C TYR A 144 -10.13 44.15 2.55
N GLN A 145 -10.55 43.61 1.40
CA GLN A 145 -10.87 42.20 1.24
C GLN A 145 -10.19 41.70 -0.03
N TYR A 146 -9.98 40.38 -0.08
CA TYR A 146 -9.32 39.74 -1.22
C TYR A 146 -10.31 39.44 -2.34
N ASN A 147 -9.98 39.87 -3.55
CA ASN A 147 -10.68 39.46 -4.75
C ASN A 147 -9.96 38.34 -5.49
N VAL A 148 -8.73 38.05 -5.11
CA VAL A 148 -7.93 36.99 -5.73
C VAL A 148 -7.57 36.02 -4.62
N LEU A 149 -6.80 34.98 -4.95
CA LEU A 149 -6.41 33.98 -3.96
C LEU A 149 -5.43 34.55 -2.95
N PRO A 150 -5.69 34.44 -1.65
CA PRO A 150 -4.73 34.89 -0.64
C PRO A 150 -3.75 33.80 -0.25
N GLN A 151 -2.61 34.24 0.26
CA GLN A 151 -1.59 33.31 0.75
C GLN A 151 -1.83 32.99 2.22
N GLY A 152 -1.93 31.71 2.54
CA GLY A 152 -2.26 31.27 3.88
C GLY A 152 -3.64 30.69 4.00
N TRP A 153 -4.51 30.95 3.02
CA TRP A 153 -5.75 30.20 2.90
C TRP A 153 -5.46 28.80 2.39
N LYS A 154 -6.10 27.80 3.01
CA LYS A 154 -5.79 26.41 2.70
C LYS A 154 -6.28 26.03 1.31
N GLY A 155 -7.29 26.73 0.80
CA GLY A 155 -7.76 26.45 -0.55
C GLY A 155 -6.92 27.02 -1.67
N SER A 156 -5.92 27.85 -1.37
CA SER A 156 -5.22 28.54 -2.45
C SER A 156 -4.34 27.60 -3.25
N PRO A 157 -3.44 26.81 -2.64
CA PRO A 157 -2.62 25.89 -3.46
C PRO A 157 -3.42 25.08 -4.45
N ALA A 158 -4.43 24.34 -4.00
CA ALA A 158 -5.12 23.42 -4.91
C ALA A 158 -5.90 24.17 -5.96
N ILE A 159 -6.55 25.28 -5.58
CA ILE A 159 -7.27 26.08 -6.55
C ILE A 159 -6.32 26.63 -7.60
N PHE A 160 -5.16 27.13 -7.19
CA PHE A 160 -4.22 27.61 -8.19
C PHE A 160 -3.71 26.49 -9.09
N GLN A 161 -3.29 25.36 -8.51
CA GLN A 161 -2.80 24.26 -9.35
C GLN A 161 -3.83 23.80 -10.36
N SER A 162 -5.08 23.64 -9.92
CA SER A 162 -6.13 23.27 -10.86
C SER A 162 -6.37 24.37 -11.89
N SER A 163 -6.44 25.62 -11.46
CA SER A 163 -6.70 26.69 -12.41
C SER A 163 -5.58 26.79 -13.43
N MET A 164 -4.34 26.61 -12.97
CA MET A 164 -3.21 26.62 -13.88
C MET A 164 -3.32 25.50 -14.89
N THR A 165 -3.74 24.29 -14.45
CA THR A 165 -3.95 23.20 -15.39
C THR A 165 -5.01 23.55 -16.43
N LYS A 166 -6.13 24.12 -15.98
CA LYS A 166 -7.14 24.57 -16.93
C LYS A 166 -6.57 25.59 -17.90
N ILE A 167 -5.78 26.54 -17.39
CA ILE A 167 -5.23 27.61 -18.21
C ILE A 167 -4.27 27.06 -19.24
N LEU A 168 -3.50 26.02 -18.87
CA LEU A 168 -2.55 25.42 -19.81
C LEU A 168 -3.19 24.42 -20.77
N GLU A 169 -4.36 23.90 -20.45
CA GLU A 169 -4.95 22.85 -21.28
C GLU A 169 -5.00 23.19 -22.77
N PRO A 170 -5.39 24.40 -23.20
CA PRO A 170 -5.46 24.66 -24.65
C PRO A 170 -4.09 24.74 -25.31
N PHE A 171 -3.08 25.26 -24.60
CA PHE A 171 -1.72 25.26 -25.13
C PHE A 171 -1.18 23.84 -25.19
N ARG A 172 -1.53 23.00 -24.22
CA ARG A 172 -1.09 21.61 -24.26
C ARG A 172 -1.81 20.84 -25.34
N LYS A 173 -3.07 21.16 -25.60
CA LYS A 173 -3.78 20.45 -26.66
C LYS A 173 -3.30 20.92 -28.01
N GLN A 174 -2.84 22.15 -28.09
CA GLN A 174 -2.31 22.67 -29.34
C GLN A 174 -0.86 22.33 -29.54
N ASN A 175 -0.13 22.08 -28.47
CA ASN A 175 1.28 21.70 -28.53
C ASN A 175 1.51 20.44 -27.73
N PRO A 176 0.90 19.31 -28.13
CA PRO A 176 1.01 18.10 -27.31
C PRO A 176 2.43 17.64 -27.12
N ASP A 177 3.33 17.95 -28.05
CA ASP A 177 4.70 17.47 -28.05
C ASP A 177 5.69 18.47 -27.47
N ILE A 178 5.19 19.49 -26.77
CA ILE A 178 6.00 20.34 -25.91
C ILE A 178 5.67 19.96 -24.47
N VAL A 179 6.69 19.64 -23.69
CA VAL A 179 6.45 19.13 -22.34
C VAL A 179 6.56 20.28 -21.37
N ILE A 180 5.54 20.46 -20.56
CA ILE A 180 5.47 21.57 -19.61
C ILE A 180 5.31 20.95 -18.24
N TYR A 181 6.40 20.87 -17.49
CA TYR A 181 6.33 20.50 -16.08
C TYR A 181 5.79 21.69 -15.31
N GLN A 182 4.63 21.51 -14.68
CA GLN A 182 3.86 22.56 -14.02
C GLN A 182 3.80 22.28 -12.52
N TYR A 183 4.82 22.73 -11.80
CA TYR A 183 4.79 22.82 -10.36
C TYR A 183 4.45 24.26 -10.03
N MET A 184 4.01 24.49 -8.81
CA MET A 184 2.84 25.34 -8.59
C MET A 184 2.67 26.42 -9.65
N ASP A 185 3.55 27.41 -9.68
CA ASP A 185 3.55 28.40 -10.74
C ASP A 185 4.82 28.35 -11.57
N ASP A 186 5.74 27.49 -11.19
CA ASP A 186 6.98 27.31 -11.91
C ASP A 186 6.75 26.39 -13.12
N LEU A 187 7.20 26.82 -14.29
CA LEU A 187 7.15 26.00 -15.47
C LEU A 187 8.55 25.64 -15.93
N TYR A 188 8.73 24.37 -16.27
CA TYR A 188 9.82 23.90 -17.12
C TYR A 188 9.21 23.54 -18.47
N VAL A 189 9.83 23.98 -19.55
CA VAL A 189 9.27 23.81 -20.89
C VAL A 189 10.33 23.19 -21.80
N GLY A 190 10.09 21.98 -22.25
CA GLY A 190 11.04 21.26 -23.08
C GLY A 190 10.42 20.95 -24.44
N SER A 191 11.24 21.06 -25.48
CA SER A 191 10.75 20.81 -26.82
C SER A 191 11.89 20.23 -27.65
N ASP A 192 11.51 19.49 -28.69
CA ASP A 192 12.46 18.97 -29.65
C ASP A 192 12.66 19.90 -30.82
N LEU A 193 12.37 21.18 -30.65
CA LEU A 193 12.55 22.18 -31.69
C LEU A 193 13.96 22.76 -31.62
N GLU A 194 14.43 23.24 -32.77
CA GLU A 194 15.65 24.04 -32.77
C GLU A 194 15.42 25.29 -31.93
N ILE A 195 16.51 25.83 -31.36
CA ILE A 195 16.37 26.84 -30.32
C ILE A 195 15.50 28.02 -30.77
N GLY A 196 15.57 28.42 -32.04
CA GLY A 196 14.76 29.54 -32.51
C GLY A 196 13.26 29.26 -32.49
N GLN A 197 12.85 28.14 -33.10
CA GLN A 197 11.43 27.77 -33.08
C GLN A 197 10.94 27.55 -31.65
N HIS A 198 11.81 27.01 -30.80
CA HIS A 198 11.44 26.84 -29.40
C HIS A 198 11.18 28.17 -28.74
N ARG A 199 12.08 29.14 -28.96
CA ARG A 199 11.89 30.47 -28.38
C ARG A 199 10.60 31.12 -28.87
N THR A 200 10.28 30.92 -30.15
CA THR A 200 8.99 31.42 -30.64
C THR A 200 7.82 30.77 -29.91
N LYS A 201 7.87 29.44 -29.72
CA LYS A 201 6.82 28.76 -28.98
C LYS A 201 6.74 29.23 -27.54
N ILE A 202 7.86 29.69 -26.99
CA ILE A 202 7.86 30.17 -25.63
C ILE A 202 7.22 31.54 -25.56
N GLU A 203 7.48 32.38 -26.57
CA GLU A 203 6.75 33.63 -26.65
C GLU A 203 5.27 33.38 -26.82
N GLU A 204 4.92 32.35 -27.61
CA GLU A 204 3.53 31.94 -27.73
C GLU A 204 2.96 31.55 -26.38
N LEU A 205 3.72 30.80 -25.58
CA LEU A 205 3.22 30.38 -24.28
C LEU A 205 3.06 31.57 -23.35
N ARG A 206 4.00 32.52 -23.39
CA ARG A 206 3.88 33.66 -22.48
C ARG A 206 2.71 34.55 -22.89
N GLN A 207 2.47 34.68 -24.19
CA GLN A 207 1.29 35.43 -24.64
C GLN A 207 0.01 34.69 -24.28
N HIS A 208 0.03 33.36 -24.38
CA HIS A 208 -1.11 32.55 -23.94
C HIS A 208 -1.39 32.76 -22.46
N LEU A 209 -0.36 32.65 -21.63
CA LEU A 209 -0.53 32.80 -20.18
C LEU A 209 -1.05 34.18 -19.84
N LEU A 210 -0.48 35.21 -20.49
CA LEU A 210 -0.92 36.58 -20.24
C LEU A 210 -2.37 36.78 -20.68
N ARG A 211 -2.76 36.19 -21.81
CA ARG A 211 -4.16 36.16 -22.20
C ARG A 211 -5.02 35.64 -21.06
N TRP A 212 -4.53 34.62 -20.34
CA TRP A 212 -5.18 34.08 -19.15
C TRP A 212 -4.71 34.77 -17.86
N GLY A 213 -4.24 36.01 -17.95
CA GLY A 213 -3.97 36.79 -16.74
C GLY A 213 -2.69 36.45 -16.00
N LEU A 214 -1.83 35.59 -16.54
CA LEU A 214 -0.61 35.19 -15.86
C LEU A 214 0.56 35.86 -16.55
N THR A 215 1.29 36.68 -15.80
CA THR A 215 2.47 37.33 -16.34
C THR A 215 3.69 36.51 -15.97
N THR A 216 4.65 36.48 -16.90
CA THR A 216 5.90 35.75 -16.70
C THR A 216 7.03 36.78 -16.67
N PRO A 217 7.39 37.27 -15.49
CA PRO A 217 8.40 38.32 -15.41
C PRO A 217 9.72 37.86 -16.03
N ASP A 218 10.31 38.75 -16.83
CA ASP A 218 11.54 38.40 -17.53
C ASP A 218 12.68 38.12 -16.57
N LYS A 219 12.66 38.73 -15.37
CA LYS A 219 13.72 38.47 -14.40
C LYS A 219 13.79 37.00 -14.02
N LYS A 220 12.67 36.28 -14.11
CA LYS A 220 12.62 34.86 -13.76
C LYS A 220 12.37 33.99 -14.98
N HIS A 221 12.90 34.41 -16.11
CA HIS A 221 12.78 33.70 -17.38
C HIS A 221 14.17 33.20 -17.76
N GLN A 222 14.47 31.95 -17.42
CA GLN A 222 15.79 31.40 -17.65
C GLN A 222 15.88 30.86 -19.07
N LYS A 223 16.81 31.38 -19.84
CA LYS A 223 16.96 31.07 -21.26
C LYS A 223 18.12 30.14 -21.58
N GLU A 224 19.17 30.10 -20.75
CA GLU A 224 20.38 29.33 -20.97
C GLU A 224 20.62 28.38 -19.81
N PRO A 225 21.37 27.29 -20.02
CA PRO A 225 21.75 26.43 -18.91
C PRO A 225 22.91 27.04 -18.14
N PRO A 226 23.02 26.75 -16.84
CA PRO A 226 22.14 25.85 -16.09
C PRO A 226 20.81 26.47 -15.68
N PHE A 227 19.75 25.66 -15.65
CA PHE A 227 18.44 26.10 -15.19
C PHE A 227 18.31 25.79 -13.71
N LEU A 228 17.85 26.78 -12.93
CA LEU A 228 17.51 26.56 -11.55
C LEU A 228 16.05 26.13 -11.48
N TRP A 229 15.82 24.91 -10.96
CA TRP A 229 14.49 24.34 -11.03
C TRP A 229 14.31 23.30 -9.93
N MET A 230 13.39 23.58 -9.01
CA MET A 230 12.89 22.62 -8.03
C MET A 230 13.99 22.16 -7.07
N GLY A 231 14.98 23.02 -6.86
CA GLY A 231 16.10 22.70 -6.01
C GLY A 231 17.31 22.17 -6.74
N TYR A 232 17.27 22.11 -8.06
CA TYR A 232 18.29 21.50 -8.88
C TYR A 232 18.89 22.50 -9.87
N GLU A 233 20.08 22.14 -10.34
CA GLU A 233 20.68 22.79 -11.49
C GLU A 233 20.59 21.80 -12.65
N LEU A 234 19.80 22.16 -13.66
CA LEU A 234 19.62 21.36 -14.87
C LEU A 234 20.62 21.83 -15.92
N HIS A 235 21.55 20.96 -16.27
CA HIS A 235 22.46 21.19 -17.37
C HIS A 235 21.96 20.47 -18.60
N PRO A 236 22.58 20.66 -19.76
CA PRO A 236 22.05 19.99 -20.96
C PRO A 236 21.96 18.49 -20.82
N ASP A 237 22.98 17.82 -20.27
CA ASP A 237 22.96 16.36 -20.22
C ASP A 237 23.20 15.78 -18.83
N LYS A 238 23.17 16.63 -17.79
CA LYS A 238 23.34 16.17 -16.42
C LYS A 238 22.61 17.16 -15.52
N TRP A 239 22.28 16.70 -14.31
CA TRP A 239 21.64 17.56 -13.33
C TRP A 239 22.33 17.37 -11.99
N THR A 240 22.25 18.40 -11.16
CA THR A 240 22.81 18.34 -9.82
C THR A 240 21.80 18.95 -8.87
N VAL A 241 22.05 18.73 -7.60
CA VAL A 241 21.23 19.31 -6.55
C VAL A 241 21.96 20.56 -6.09
N GLN A 242 21.20 21.62 -5.79
CA GLN A 242 21.82 22.84 -5.31
C GLN A 242 22.45 22.57 -3.93
N PRO A 243 23.58 23.21 -3.62
CA PRO A 243 24.44 22.69 -2.55
C PRO A 243 23.68 22.49 -1.24
N ILE A 244 24.16 21.54 -0.46
CA ILE A 244 23.59 21.20 0.84
C ILE A 244 24.61 21.58 1.91
N VAL A 245 24.13 22.17 3.00
CA VAL A 245 25.00 22.64 4.07
C VAL A 245 24.48 22.02 5.36
N LEU A 246 25.12 20.95 5.81
CA LEU A 246 24.81 20.43 7.12
C LEU A 246 25.38 21.35 8.18
N PRO A 247 24.62 21.67 9.23
CA PRO A 247 25.20 22.41 10.35
C PRO A 247 26.50 21.77 10.84
N GLU A 248 27.38 22.60 11.38
CA GLU A 248 28.63 22.16 11.98
C GLU A 248 28.61 22.47 13.48
N LYS A 249 27.47 22.20 14.12
CA LYS A 249 27.29 22.52 15.52
C LYS A 249 28.08 21.56 16.40
N ASP A 250 28.20 21.92 17.68
CA ASP A 250 28.79 21.10 18.72
C ASP A 250 27.76 20.55 19.69
N SER A 251 26.83 21.38 20.13
CA SER A 251 25.72 20.96 20.98
C SER A 251 24.51 20.76 20.07
N TRP A 252 24.05 19.52 19.97
CA TRP A 252 22.97 19.17 19.06
C TRP A 252 21.67 19.06 19.84
N THR A 253 20.64 19.74 19.34
CA THR A 253 19.29 19.61 19.88
C THR A 253 18.44 18.75 18.96
N VAL A 254 17.27 18.36 19.46
CA VAL A 254 16.32 17.59 18.67
C VAL A 254 15.97 18.33 17.38
N ASN A 255 15.86 19.65 17.45
CA ASN A 255 15.64 20.43 16.23
C ASN A 255 16.87 20.38 15.33
N ASP A 256 18.06 20.55 15.90
CA ASP A 256 19.29 20.44 15.12
C ASP A 256 19.36 19.08 14.42
N ILE A 257 18.98 18.02 15.12
CA ILE A 257 19.04 16.68 14.54
C ILE A 257 17.98 16.51 13.47
N CYS A 258 16.77 17.00 13.70
CA CYS A 258 15.75 16.90 12.68
C CYS A 258 16.19 17.62 11.41
N LYS A 259 16.83 18.79 11.54
CA LYS A 259 17.37 19.49 10.38
C LYS A 259 18.47 18.68 9.70
N LEU A 260 19.40 18.15 10.49
CA LEU A 260 20.50 17.38 9.94
C LEU A 260 19.98 16.18 9.15
N VAL A 261 19.04 15.44 9.74
CA VAL A 261 18.50 14.25 9.10
C VAL A 261 17.63 14.59 7.90
N GLY A 262 16.92 15.73 7.93
CA GLY A 262 16.14 16.13 6.78
C GLY A 262 17.02 16.49 5.60
N LYS A 263 18.08 17.26 5.85
CA LYS A 263 19.04 17.56 4.80
C LYS A 263 19.73 16.30 4.29
N LEU A 264 20.05 15.38 5.20
CA LEU A 264 20.68 14.13 4.75
C LEU A 264 19.75 13.31 3.88
N ASN A 265 18.47 13.19 4.26
CA ASN A 265 17.51 12.47 3.43
C ASN A 265 17.33 13.14 2.08
N TRP A 266 17.32 14.46 2.06
CA TRP A 266 17.30 15.18 0.77
C TRP A 266 18.56 14.88 -0.05
N ALA A 267 19.73 14.87 0.58
CA ALA A 267 20.98 14.60 -0.15
C ALA A 267 20.99 13.18 -0.73
N SER A 268 20.32 12.24 -0.06
CA SER A 268 20.44 10.84 -0.45
C SER A 268 19.87 10.56 -1.83
N GLN A 269 19.18 11.52 -2.44
CA GLN A 269 18.56 11.28 -3.74
C GLN A 269 19.55 11.28 -4.88
N ILE A 270 20.74 11.83 -4.66
CA ILE A 270 21.83 11.83 -5.63
C ILE A 270 23.17 11.47 -5.02
N TYR A 271 23.37 11.64 -3.70
CA TYR A 271 24.60 11.22 -3.04
C TYR A 271 24.49 9.77 -2.61
N PRO A 272 25.33 8.87 -3.10
CA PRO A 272 25.21 7.47 -2.70
C PRO A 272 25.81 7.21 -1.33
N GLY A 273 25.14 6.38 -0.55
CA GLY A 273 25.72 5.87 0.67
C GLY A 273 25.31 6.57 1.95
N ILE A 274 24.26 7.38 1.92
CA ILE A 274 23.88 8.17 3.07
C ILE A 274 23.23 7.26 4.11
N LYS A 275 23.60 7.46 5.37
CA LYS A 275 23.10 6.64 6.47
C LYS A 275 22.60 7.59 7.54
N VAL A 276 21.38 7.36 8.04
CA VAL A 276 20.89 8.22 9.12
C VAL A 276 20.26 7.40 10.24
N ARG A 277 20.50 6.08 10.23
CA ARG A 277 19.97 5.25 11.30
C ARG A 277 20.42 5.77 12.66
N GLN A 278 21.72 5.97 12.83
CA GLN A 278 22.22 6.27 14.17
C GLN A 278 21.82 7.66 14.62
N LEU A 279 21.78 8.62 13.69
CA LEU A 279 21.30 9.94 14.03
C LEU A 279 19.80 9.92 14.30
N SER A 280 19.05 9.01 13.66
CA SER A 280 17.62 8.94 13.87
C SER A 280 17.26 8.25 15.19
N LYS A 281 17.94 7.15 15.50
CA LYS A 281 17.72 6.45 16.77
C LYS A 281 17.91 7.41 17.94
N LEU A 282 18.66 8.48 17.72
CA LEU A 282 19.03 9.47 18.73
C LEU A 282 17.84 10.30 19.22
N LEU A 283 16.65 10.05 18.67
CA LEU A 283 15.50 10.90 18.92
C LEU A 283 14.39 10.20 19.67
N ARG A 284 14.61 8.96 20.12
CA ARG A 284 13.51 8.17 20.66
C ARG A 284 13.06 8.71 22.02
N GLY A 285 11.74 8.80 22.19
CA GLY A 285 11.15 9.29 23.43
C GLY A 285 11.54 10.71 23.78
N THR A 286 11.65 11.58 22.79
CA THR A 286 12.06 12.95 23.07
C THR A 286 10.97 13.72 23.80
N LYS A 287 11.38 14.78 24.47
CA LYS A 287 10.43 15.68 25.11
C LYS A 287 10.05 16.82 24.16
N ALA A 288 11.02 17.64 23.78
CA ALA A 288 10.74 18.80 22.94
C ALA A 288 11.92 19.03 22.02
N LEU A 289 11.69 19.88 21.02
CA LEU A 289 12.73 20.21 20.05
C LEU A 289 13.93 20.86 20.71
N THR A 290 13.72 21.57 21.81
CA THR A 290 14.78 22.31 22.48
C THR A 290 15.69 21.43 23.32
N GLU A 291 15.37 20.15 23.49
CA GLU A 291 16.17 19.25 24.32
C GLU A 291 17.50 18.93 23.64
N VAL A 292 18.58 18.98 24.41
CA VAL A 292 19.91 18.70 23.88
C VAL A 292 20.19 17.21 24.05
N ILE A 293 20.17 16.48 22.93
CA ILE A 293 20.54 15.06 22.95
C ILE A 293 22.06 14.98 22.77
N PRO A 294 22.76 14.19 23.59
CA PRO A 294 24.20 13.98 23.36
C PRO A 294 24.42 12.96 22.25
N LEU A 295 25.34 13.30 21.33
CA LEU A 295 25.63 12.44 20.19
C LEU A 295 26.28 11.15 20.68
N THR A 296 25.62 10.01 20.44
CA THR A 296 26.25 8.74 20.73
C THR A 296 27.40 8.49 19.76
N GLU A 297 28.35 7.67 20.21
CA GLU A 297 29.53 7.36 19.41
C GLU A 297 29.15 6.97 17.99
N GLU A 298 28.16 6.09 17.85
CA GLU A 298 27.82 5.56 16.55
C GLU A 298 27.23 6.64 15.65
N ALA A 299 26.42 7.54 16.22
CA ALA A 299 25.90 8.66 15.45
C ALA A 299 27.02 9.62 15.05
N GLU A 300 27.98 9.84 15.94
CA GLU A 300 29.14 10.64 15.59
C GLU A 300 29.86 10.07 14.38
N LEU A 301 30.13 8.76 14.41
CA LEU A 301 30.81 8.12 13.28
C LEU A 301 30.01 8.22 12.01
N GLU A 302 28.71 8.00 12.10
CA GLU A 302 27.86 8.03 10.91
C GLU A 302 27.80 9.42 10.29
N LEU A 303 27.71 10.44 11.15
CA LEU A 303 27.72 11.82 10.66
C LEU A 303 29.05 12.14 9.99
N ALA A 304 30.16 11.68 10.57
CA ALA A 304 31.44 11.85 9.90
C ALA A 304 31.44 11.23 8.51
N GLU A 305 30.94 9.98 8.40
CA GLU A 305 30.95 9.32 7.09
C GLU A 305 30.07 10.08 6.10
N ASN A 306 28.90 10.54 6.55
CA ASN A 306 28.03 11.34 5.72
C ASN A 306 28.73 12.61 5.24
N ARG A 307 29.44 13.31 6.14
CA ARG A 307 30.16 14.51 5.75
C ARG A 307 31.14 14.20 4.63
N GLU A 308 31.95 13.14 4.82
CA GLU A 308 32.86 12.71 3.77
C GLU A 308 32.12 12.51 2.45
N ILE A 309 31.01 11.76 2.48
CA ILE A 309 30.24 11.51 1.26
C ILE A 309 29.86 12.83 0.59
N LEU A 310 29.36 13.78 1.38
CA LEU A 310 28.85 15.03 0.83
C LEU A 310 29.96 15.89 0.23
N LYS A 311 31.20 15.75 0.72
CA LYS A 311 32.29 16.52 0.12
C LYS A 311 32.53 16.14 -1.35
N GLU A 312 32.05 14.99 -1.80
CA GLU A 312 32.32 14.58 -3.17
C GLU A 312 31.40 15.33 -4.15
N PRO A 313 31.84 15.49 -5.39
CA PRO A 313 30.97 16.05 -6.43
C PRO A 313 30.22 14.94 -7.15
N VAL A 314 28.96 15.21 -7.46
CA VAL A 314 28.08 14.16 -7.98
C VAL A 314 27.00 14.77 -8.87
N HIS A 315 26.46 13.95 -9.78
CA HIS A 315 25.38 14.39 -10.65
C HIS A 315 24.52 13.20 -11.05
N GLY A 316 23.28 13.51 -11.42
CA GLY A 316 22.40 12.57 -12.07
C GLY A 316 22.33 12.84 -13.57
N VAL A 317 21.68 11.92 -14.27
CA VAL A 317 21.46 12.06 -15.70
C VAL A 317 19.96 12.11 -15.98
N TYR A 318 19.60 12.24 -17.25
CA TYR A 318 18.21 12.30 -17.66
C TYR A 318 17.78 10.96 -18.23
N TYR A 319 16.47 10.74 -18.20
CA TYR A 319 15.90 9.45 -18.55
C TYR A 319 15.83 9.27 -20.07
N ASP A 320 16.37 8.15 -20.55
CA ASP A 320 16.27 7.73 -21.94
C ASP A 320 15.28 6.59 -22.04
N PRO A 321 14.05 6.82 -22.51
CA PRO A 321 13.01 5.78 -22.45
C PRO A 321 13.28 4.58 -23.34
N SER A 322 14.22 4.67 -24.27
CA SER A 322 14.57 3.57 -25.16
C SER A 322 15.53 2.58 -24.52
N LYS A 323 15.84 2.73 -23.25
CA LYS A 323 16.78 1.85 -22.56
C LYS A 323 16.11 1.20 -21.36
N ASP A 324 16.86 0.38 -20.65
CA ASP A 324 16.36 -0.27 -19.46
C ASP A 324 16.57 0.62 -18.26
N LEU A 325 15.66 0.50 -17.30
CA LEU A 325 15.86 1.05 -15.97
C LEU A 325 16.51 -0.01 -15.10
N ILE A 326 17.57 0.35 -14.41
CA ILE A 326 18.22 -0.62 -13.53
C ILE A 326 18.35 -0.01 -12.15
N ALA A 327 18.08 -0.82 -11.14
CA ALA A 327 18.28 -0.44 -9.75
C ALA A 327 19.18 -1.45 -9.09
N GLU A 328 20.26 -0.98 -8.48
CA GLU A 328 21.19 -1.82 -7.76
C GLU A 328 21.13 -1.43 -6.30
N ILE A 329 21.13 -2.42 -5.42
CA ILE A 329 20.93 -2.22 -3.99
C ILE A 329 22.14 -2.77 -3.24
N GLN A 330 22.65 -1.98 -2.30
CA GLN A 330 23.71 -2.43 -1.39
C GLN A 330 23.22 -2.33 0.05
N LYS A 331 23.68 -3.26 0.87
CA LYS A 331 23.33 -3.30 2.28
C LYS A 331 24.40 -2.60 3.10
N GLN A 332 24.00 -1.65 3.93
CA GLN A 332 24.80 -1.24 5.07
C GLN A 332 24.21 -1.84 6.35
N GLY A 333 24.90 -1.66 7.46
CA GLY A 333 24.50 -2.38 8.65
C GLY A 333 23.15 -1.95 9.20
N GLN A 334 22.72 -2.57 10.30
CA GLN A 334 21.66 -2.02 11.14
C GLN A 334 20.37 -1.82 10.36
N GLY A 335 20.12 -2.63 9.35
CA GLY A 335 18.88 -2.47 8.60
C GLY A 335 18.85 -1.22 7.76
N GLN A 336 19.96 -0.91 7.08
CA GLN A 336 20.10 0.24 6.18
C GLN A 336 20.48 -0.27 4.80
N TRP A 337 19.96 0.39 3.77
CA TRP A 337 20.23 0.00 2.40
C TRP A 337 20.32 1.27 1.57
N THR A 338 21.25 1.30 0.60
CA THR A 338 21.22 2.36 -0.41
C THR A 338 21.01 1.72 -1.77
N TYR A 339 20.57 2.55 -2.71
CA TYR A 339 20.30 2.07 -4.04
C TYR A 339 20.67 3.14 -5.04
N GLN A 340 21.09 2.68 -6.23
CA GLN A 340 21.38 3.53 -7.36
C GLN A 340 20.52 3.06 -8.54
N ILE A 341 19.78 4.00 -9.14
CA ILE A 341 18.98 3.75 -10.32
C ILE A 341 19.69 4.40 -11.49
N TYR A 342 20.05 3.58 -12.48
CA TYR A 342 20.86 3.99 -13.61
C TYR A 342 20.38 3.26 -14.85
N GLN A 343 20.91 3.67 -15.99
CA GLN A 343 20.61 3.01 -17.24
C GLN A 343 21.85 2.47 -17.93
N GLU A 344 22.94 3.25 -17.97
CA GLU A 344 24.33 2.98 -18.32
C GLU A 344 25.14 2.85 -17.05
N PRO A 345 26.13 1.95 -17.05
CA PRO A 345 26.62 1.39 -15.77
C PRO A 345 27.09 2.41 -14.73
N PHE A 346 27.76 3.50 -15.12
CA PHE A 346 28.24 4.41 -14.10
C PHE A 346 27.63 5.79 -14.23
N LYS A 347 26.37 5.86 -14.65
CA LYS A 347 25.68 7.12 -14.82
C LYS A 347 24.33 6.97 -14.11
N ASN A 348 24.34 7.21 -12.80
CA ASN A 348 23.12 7.16 -12.02
C ASN A 348 22.06 8.12 -12.55
N LEU A 349 20.85 7.61 -12.77
CA LEU A 349 19.68 8.47 -12.82
C LEU A 349 19.49 9.16 -11.48
N LYS A 350 19.39 8.36 -10.41
CA LYS A 350 19.36 8.92 -9.07
C LYS A 350 19.82 7.85 -8.08
N THR A 351 19.87 8.24 -6.79
CA THR A 351 20.16 7.28 -5.74
C THR A 351 19.10 7.36 -4.65
N GLY A 352 19.33 6.65 -3.54
CA GLY A 352 18.32 6.58 -2.49
C GLY A 352 18.78 5.74 -1.33
N LYS A 353 18.02 5.83 -0.24
CA LYS A 353 18.20 4.97 0.92
C LYS A 353 16.86 4.40 1.36
N TYR A 354 16.86 3.12 1.72
CA TYR A 354 15.76 2.52 2.46
C TYR A 354 16.30 2.10 3.82
N ALA A 355 15.68 2.59 4.90
CA ALA A 355 16.17 2.21 6.22
C ALA A 355 15.04 1.99 7.21
N ARG A 356 13.81 1.85 6.75
CA ARG A 356 12.68 1.75 7.66
C ARG A 356 12.66 0.41 8.34
N MET A 357 12.40 0.41 9.65
CA MET A 357 12.34 -0.81 10.43
C MET A 357 10.87 -1.24 10.52
N ARG A 358 10.53 -2.31 9.82
CA ARG A 358 9.20 -2.91 9.86
C ARG A 358 9.25 -4.12 10.77
N GLY A 359 8.55 -4.05 11.89
CA GLY A 359 8.40 -5.24 12.70
C GLY A 359 9.37 -5.30 13.85
N ALA A 360 8.91 -5.89 14.96
CA ALA A 360 9.79 -6.18 16.08
C ALA A 360 10.95 -7.06 15.66
N HIS A 361 10.68 -8.08 14.86
CA HIS A 361 11.70 -9.03 14.44
C HIS A 361 11.64 -9.19 12.94
N THR A 362 12.82 -9.27 12.33
CA THR A 362 12.93 -9.28 10.89
C THR A 362 14.29 -9.87 10.55
N ASN A 363 14.54 -10.03 9.24
CA ASN A 363 15.86 -10.37 8.76
C ASN A 363 16.16 -9.58 7.49
N ASP A 364 17.35 -9.85 6.91
CA ASP A 364 17.85 -9.08 5.79
C ASP A 364 17.12 -9.41 4.49
N VAL A 365 16.51 -10.59 4.38
CA VAL A 365 15.76 -10.90 3.16
C VAL A 365 14.44 -10.15 3.14
N LYS A 366 13.74 -10.08 4.27
CA LYS A 366 12.53 -9.27 4.35
C LYS A 366 12.86 -7.82 4.05
N GLN A 367 13.90 -7.30 4.72
CA GLN A 367 14.32 -5.92 4.50
C GLN A 367 14.64 -5.68 3.04
N LEU A 368 15.33 -6.62 2.40
CA LEU A 368 15.63 -6.45 0.99
C LEU A 368 14.36 -6.44 0.16
N THR A 369 13.40 -7.30 0.50
CA THR A 369 12.15 -7.35 -0.24
C THR A 369 11.41 -6.03 -0.15
N GLU A 370 11.42 -5.41 1.02
CA GLU A 370 10.66 -4.18 1.15
C GLU A 370 11.41 -2.99 0.58
N ALA A 371 12.75 -3.07 0.54
CA ALA A 371 13.51 -2.09 -0.23
C ALA A 371 13.19 -2.20 -1.72
N VAL A 372 13.10 -3.43 -2.23
CA VAL A 372 12.72 -3.64 -3.64
C VAL A 372 11.34 -3.05 -3.89
N GLN A 373 10.42 -3.25 -2.95
CA GLN A 373 9.07 -2.72 -3.15
C GLN A 373 9.06 -1.19 -3.16
N LYS A 374 9.69 -0.57 -2.17
CA LYS A 374 9.72 0.89 -2.12
C LYS A 374 10.31 1.45 -3.40
N ILE A 375 11.43 0.88 -3.83
CA ILE A 375 12.06 1.32 -5.07
C ILE A 375 11.12 1.13 -6.26
N THR A 376 10.36 0.04 -6.25
CA THR A 376 9.50 -0.22 -7.40
C THR A 376 8.42 0.84 -7.53
N THR A 377 7.78 1.21 -6.41
CA THR A 377 6.70 2.20 -6.56
C THR A 377 7.28 3.58 -6.80
N GLU A 378 8.44 3.86 -6.22
CA GLU A 378 9.11 5.12 -6.51
C GLU A 378 9.47 5.21 -7.99
N SER A 379 9.90 4.10 -8.58
CA SER A 379 10.16 4.11 -10.01
C SER A 379 8.89 4.25 -10.80
N ILE A 380 7.79 3.65 -10.34
CA ILE A 380 6.56 3.79 -11.11
C ILE A 380 6.11 5.25 -11.11
N VAL A 381 6.32 5.98 -10.01
CA VAL A 381 5.97 7.39 -9.96
C VAL A 381 6.86 8.19 -10.91
N ILE A 382 8.19 8.02 -10.82
CA ILE A 382 9.11 8.90 -11.56
C ILE A 382 9.16 8.53 -13.04
N TRP A 383 9.20 7.24 -13.37
CA TRP A 383 9.40 6.80 -14.73
C TRP A 383 8.23 6.02 -15.33
N GLY A 384 7.20 5.72 -14.54
CA GLY A 384 6.10 4.94 -15.07
C GLY A 384 6.41 3.49 -15.42
N LYS A 385 7.57 2.97 -15.05
CA LYS A 385 7.81 1.56 -15.26
C LYS A 385 8.63 1.00 -14.10
N THR A 386 8.62 -0.28 -13.99
CA THR A 386 9.38 -0.99 -12.99
C THR A 386 10.83 -1.14 -13.48
N PRO A 387 11.80 -1.12 -12.58
CA PRO A 387 13.19 -1.35 -12.99
C PRO A 387 13.61 -2.80 -12.86
N LYS A 388 14.72 -3.12 -13.52
CA LYS A 388 15.37 -4.41 -13.38
C LYS A 388 16.39 -4.33 -12.26
N PHE A 389 16.44 -5.36 -11.42
CA PHE A 389 17.22 -5.26 -10.20
C PHE A 389 18.56 -5.98 -10.28
N LYS A 390 19.51 -5.43 -9.54
CA LYS A 390 20.78 -6.05 -9.20
C LYS A 390 20.89 -6.03 -7.69
N LEU A 391 20.92 -7.23 -7.09
CA LEU A 391 20.81 -7.42 -5.66
C LEU A 391 21.93 -8.30 -5.15
N PRO A 392 22.44 -8.03 -3.97
CA PRO A 392 23.50 -8.88 -3.40
C PRO A 392 22.90 -10.05 -2.61
N ILE A 393 22.14 -10.89 -3.31
CA ILE A 393 21.53 -12.05 -2.70
C ILE A 393 21.58 -13.16 -3.74
N GLN A 394 22.16 -14.28 -3.37
CA GLN A 394 22.26 -15.36 -4.34
C GLN A 394 20.86 -15.90 -4.64
N LYS A 395 20.67 -16.28 -5.91
CA LYS A 395 19.41 -16.89 -6.33
C LYS A 395 19.03 -18.06 -5.45
N GLU A 396 20.00 -18.79 -4.91
CA GLU A 396 19.67 -19.89 -4.00
C GLU A 396 19.17 -19.37 -2.66
N THR A 397 19.79 -18.32 -2.13
CA THR A 397 19.27 -17.73 -0.89
C THR A 397 17.80 -17.40 -1.07
N TRP A 398 17.51 -16.61 -2.12
CA TRP A 398 16.14 -16.22 -2.40
C TRP A 398 15.24 -17.43 -2.58
N GLU A 399 15.70 -18.43 -3.32
CA GLU A 399 14.88 -19.61 -3.58
C GLU A 399 14.52 -20.30 -2.28
N THR A 400 15.52 -20.62 -1.46
CA THR A 400 15.30 -21.16 -0.12
C THR A 400 14.21 -20.38 0.62
N TRP A 401 14.37 -19.06 0.68
CA TRP A 401 13.50 -18.22 1.49
C TRP A 401 12.06 -18.24 0.95
N TRP A 402 11.90 -18.00 -0.34
CA TRP A 402 10.59 -18.04 -0.96
C TRP A 402 9.95 -19.41 -0.80
N THR A 403 10.75 -20.47 -0.88
CA THR A 403 10.23 -21.82 -0.64
C THR A 403 9.62 -21.93 0.74
N GLU A 404 10.40 -21.58 1.77
CA GLU A 404 10.03 -21.96 3.12
C GLU A 404 9.27 -20.89 3.89
N TYR A 405 9.14 -19.67 3.35
CA TYR A 405 8.42 -18.61 4.04
C TYR A 405 6.94 -18.74 3.76
N TRP A 406 6.13 -18.63 4.82
CA TRP A 406 4.69 -18.90 4.71
C TRP A 406 3.92 -17.78 4.02
N GLN A 407 4.54 -16.63 3.80
CA GLN A 407 3.86 -15.48 3.21
C GLN A 407 4.19 -15.38 1.72
N ALA A 408 3.27 -14.78 0.97
CA ALA A 408 3.52 -14.53 -0.44
C ALA A 408 4.53 -13.40 -0.59
N THR A 409 5.68 -13.70 -1.15
CA THR A 409 6.71 -12.68 -1.36
C THR A 409 7.24 -12.83 -2.77
N TRP A 410 7.73 -11.72 -3.32
CA TRP A 410 8.17 -11.74 -4.70
C TRP A 410 9.00 -10.51 -5.00
N ILE A 411 10.06 -10.71 -5.80
CA ILE A 411 10.94 -9.64 -6.26
C ILE A 411 10.94 -9.70 -7.78
N PRO A 412 10.75 -8.58 -8.46
CA PRO A 412 10.65 -8.63 -9.93
C PRO A 412 11.99 -8.97 -10.57
N GLU A 413 12.04 -8.95 -11.91
CA GLU A 413 13.21 -9.42 -12.66
C GLU A 413 14.51 -8.87 -12.08
N TRP A 414 15.39 -9.78 -11.66
CA TRP A 414 16.60 -9.37 -10.97
C TRP A 414 17.77 -10.28 -11.31
N GLU A 415 18.95 -9.85 -10.92
CA GLU A 415 20.19 -10.50 -11.24
C GLU A 415 21.11 -10.36 -10.04
N PHE A 416 21.84 -11.41 -9.72
CA PHE A 416 22.70 -11.36 -8.56
C PHE A 416 23.90 -10.48 -8.85
N VAL A 417 24.40 -9.81 -7.82
CA VAL A 417 25.58 -8.98 -7.92
C VAL A 417 26.49 -9.31 -6.75
N ASN A 418 27.77 -9.52 -7.04
CA ASN A 418 28.70 -10.16 -6.11
C ASN A 418 29.37 -9.18 -5.15
N THR A 419 28.78 -8.01 -4.92
CA THR A 419 29.38 -7.00 -4.04
C THR A 419 28.90 -7.19 -2.60
N PRO A 420 29.77 -7.58 -1.67
CA PRO A 420 29.36 -7.78 -0.28
C PRO A 420 28.95 -6.47 0.37
N PRO A 421 28.30 -6.53 1.55
CA PRO A 421 27.82 -7.72 2.25
C PRO A 421 26.67 -8.42 1.52
N LEU A 422 26.88 -9.66 1.07
CA LEU A 422 25.77 -10.42 0.53
C LEU A 422 24.72 -10.66 1.61
N VAL A 423 23.48 -10.77 1.17
CA VAL A 423 22.34 -11.00 2.04
C VAL A 423 22.17 -12.50 2.18
N LYS A 424 22.10 -12.99 3.41
CA LYS A 424 21.98 -14.42 3.61
C LYS A 424 21.11 -14.68 4.83
N LEU A 425 20.42 -15.81 4.81
CA LEU A 425 19.80 -16.36 6.01
C LEU A 425 20.89 -16.92 6.91
N TRP A 426 20.87 -16.54 8.17
CA TRP A 426 22.01 -16.80 9.05
C TRP A 426 21.92 -18.13 9.76
N TYR A 427 20.81 -18.85 9.58
CA TYR A 427 20.61 -20.18 10.12
C TYR A 427 19.32 -20.72 9.53
N GLN A 428 19.12 -22.02 9.69
CA GLN A 428 18.15 -22.79 8.94
C GLN A 428 17.53 -23.80 9.89
N LEU A 429 16.22 -23.71 10.11
CA LEU A 429 15.57 -24.71 10.94
C LEU A 429 15.47 -26.04 10.19
N GLU A 430 15.62 -27.13 10.93
CA GLU A 430 15.47 -28.46 10.36
C GLU A 430 14.00 -28.70 10.03
N LYS A 431 13.76 -29.29 8.87
CA LYS A 431 12.42 -29.72 8.53
C LYS A 431 12.03 -31.02 9.23
N GLU A 432 12.98 -31.82 9.68
CA GLU A 432 12.69 -33.05 10.38
C GLU A 432 13.46 -33.08 11.69
N PRO A 433 13.01 -33.83 12.70
CA PRO A 433 13.74 -33.88 13.96
C PRO A 433 15.04 -34.65 13.83
N ILE A 434 15.98 -34.32 14.72
CA ILE A 434 17.37 -34.77 14.62
C ILE A 434 17.53 -36.03 15.44
N VAL A 435 17.99 -37.11 14.80
CA VAL A 435 18.20 -38.37 15.49
C VAL A 435 19.37 -38.24 16.47
N GLY A 436 19.20 -38.83 17.65
CA GLY A 436 20.27 -38.84 18.63
C GLY A 436 20.40 -37.56 19.42
N ALA A 437 20.20 -36.41 18.77
CA ALA A 437 20.32 -35.12 19.46
C ALA A 437 19.35 -35.09 20.64
N GLU A 438 19.76 -34.38 21.70
CA GLU A 438 18.96 -34.31 22.90
C GLU A 438 17.68 -33.51 22.63
N THR A 439 16.60 -33.95 23.25
CA THR A 439 15.28 -33.36 23.04
C THR A 439 14.87 -32.59 24.29
N PHE A 440 14.71 -31.28 24.14
CA PHE A 440 14.31 -30.37 25.22
C PHE A 440 12.83 -30.06 25.09
N TYR A 441 12.08 -30.32 26.15
CA TYR A 441 10.72 -29.84 26.28
C TYR A 441 10.76 -28.58 27.12
N VAL A 442 10.36 -27.45 26.53
CA VAL A 442 10.52 -26.15 27.19
C VAL A 442 9.16 -25.54 27.50
N ASP A 443 9.13 -24.75 28.57
CA ASP A 443 7.92 -24.01 28.88
C ASP A 443 8.28 -22.81 29.73
N GLY A 444 7.35 -21.87 29.76
CA GLY A 444 7.40 -20.77 30.70
C GLY A 444 6.02 -20.56 31.30
N ALA A 445 6.01 -19.98 32.49
CA ALA A 445 4.76 -19.51 33.09
C ALA A 445 5.03 -18.20 33.80
N ALA A 446 4.04 -17.32 33.76
CA ALA A 446 4.14 -16.02 34.42
C ALA A 446 2.88 -15.76 35.24
N ASN A 447 3.08 -15.12 36.38
CA ASN A 447 2.00 -14.75 37.29
C ASN A 447 1.55 -13.34 36.93
N ARG A 448 0.35 -13.20 36.38
CA ARG A 448 -0.14 -11.89 35.95
C ARG A 448 -0.18 -10.89 37.10
N GLU A 449 -0.40 -11.37 38.33
CA GLU A 449 -0.51 -10.46 39.46
C GLU A 449 0.87 -10.03 39.96
N THR A 450 1.74 -10.99 40.30
CA THR A 450 3.06 -10.65 40.84
C THR A 450 4.09 -10.33 39.76
N LYS A 451 3.85 -10.78 38.53
CA LYS A 451 4.81 -10.69 37.43
C LYS A 451 6.09 -11.47 37.71
N LEU A 452 5.99 -12.53 38.52
CA LEU A 452 7.06 -13.50 38.67
C LEU A 452 6.82 -14.65 37.71
N GLY A 453 7.91 -15.24 37.22
CA GLY A 453 7.80 -16.28 36.22
C GLY A 453 8.84 -17.36 36.43
N LYS A 454 8.65 -18.45 35.70
CA LYS A 454 9.66 -19.49 35.60
C LYS A 454 9.76 -19.95 34.16
N ALA A 455 10.99 -20.16 33.70
CA ALA A 455 11.24 -20.71 32.39
C ALA A 455 12.08 -21.96 32.58
N GLY A 456 11.96 -22.93 31.70
CA GLY A 456 12.77 -24.11 31.93
C GLY A 456 12.47 -25.24 30.97
N TYR A 457 13.15 -26.35 31.24
CA TYR A 457 13.06 -27.50 30.35
C TYR A 457 13.25 -28.79 31.14
N VAL A 458 12.70 -29.87 30.57
CA VAL A 458 13.16 -31.23 30.83
C VAL A 458 13.75 -31.76 29.53
N THR A 459 14.50 -32.86 29.62
CA THR A 459 15.04 -33.52 28.44
C THR A 459 14.92 -35.03 28.55
N ASN A 460 14.83 -35.68 27.39
CA ASN A 460 14.75 -37.13 27.34
C ASN A 460 15.97 -37.79 27.97
N ARG A 461 17.08 -37.09 28.05
CA ARG A 461 18.21 -37.64 28.75
C ARG A 461 18.12 -37.40 30.25
N GLY A 462 17.01 -36.86 30.74
CA GLY A 462 16.79 -36.70 32.15
C GLY A 462 17.23 -35.39 32.78
N ARG A 463 17.67 -34.41 32.00
CA ARG A 463 18.04 -33.12 32.56
C ARG A 463 16.80 -32.27 32.79
N GLN A 464 16.83 -31.46 33.84
CA GLN A 464 15.75 -30.50 34.05
C GLN A 464 16.32 -29.28 34.75
N LYS A 465 15.85 -28.12 34.31
CA LYS A 465 16.32 -26.84 34.84
C LYS A 465 15.16 -25.85 34.84
N VAL A 466 15.08 -25.08 35.92
CA VAL A 466 14.13 -24.00 36.04
C VAL A 466 14.89 -22.73 36.39
N VAL A 467 14.66 -21.67 35.63
CA VAL A 467 15.19 -20.35 35.93
C VAL A 467 14.02 -19.46 36.36
N THR A 468 14.15 -18.83 37.52
CA THR A 468 13.13 -17.90 37.98
C THR A 468 13.38 -16.52 37.40
N LEU A 469 12.31 -15.76 37.23
CA LEU A 469 12.36 -14.45 36.59
C LEU A 469 11.45 -13.48 37.33
N THR A 470 11.90 -12.24 37.47
CA THR A 470 11.07 -11.16 37.99
C THR A 470 10.66 -10.21 36.88
N ASP A 471 9.52 -9.55 37.08
CA ASP A 471 9.00 -8.53 36.18
C ASP A 471 8.97 -9.03 34.73
N THR A 472 8.19 -10.09 34.51
CA THR A 472 8.20 -10.82 33.24
C THR A 472 6.77 -11.05 32.78
N THR A 473 6.65 -11.62 31.60
CA THR A 473 5.37 -11.92 30.99
C THR A 473 5.39 -13.35 30.49
N ASN A 474 4.22 -13.85 30.09
CA ASN A 474 4.11 -15.21 29.57
C ASN A 474 4.97 -15.39 28.33
N GLN A 475 4.83 -14.46 27.37
CA GLN A 475 5.62 -14.52 26.14
C GLN A 475 7.11 -14.50 26.45
N LYS A 476 7.53 -13.59 27.33
CA LYS A 476 8.94 -13.51 27.69
C LYS A 476 9.42 -14.81 28.33
N THR A 477 8.58 -15.47 29.13
CA THR A 477 9.01 -16.71 29.76
C THR A 477 9.10 -17.85 28.74
N GLU A 478 8.20 -17.87 27.76
CA GLU A 478 8.30 -18.87 26.69
C GLU A 478 9.60 -18.67 25.92
N LEU A 479 9.95 -17.43 25.65
CA LEU A 479 11.21 -17.18 24.94
C LEU A 479 12.39 -17.55 25.83
N GLN A 480 12.34 -17.21 27.12
CA GLN A 480 13.45 -17.52 28.01
C GLN A 480 13.66 -19.01 28.12
N ALA A 481 12.58 -19.81 28.03
CA ALA A 481 12.71 -21.26 28.01
C ALA A 481 13.44 -21.72 26.75
N ILE A 482 13.03 -21.19 25.60
CA ILE A 482 13.76 -21.54 24.38
C ILE A 482 15.23 -21.14 24.49
N TYR A 483 15.50 -19.94 25.01
CA TYR A 483 16.87 -19.45 25.12
C TYR A 483 17.69 -20.30 26.07
N LEU A 484 17.04 -20.78 27.13
CA LEU A 484 17.71 -21.62 28.11
C LEU A 484 18.06 -22.97 27.52
N ALA A 485 17.15 -23.53 26.71
CA ALA A 485 17.47 -24.77 26.00
C ALA A 485 18.64 -24.55 25.04
N LEU A 486 18.63 -23.44 24.32
CA LEU A 486 19.75 -23.21 23.40
C LEU A 486 21.06 -23.12 24.18
N GLN A 487 21.06 -22.43 25.33
CA GLN A 487 22.28 -22.30 26.12
C GLN A 487 22.80 -23.66 26.58
N ASP A 488 21.92 -24.51 27.11
CA ASP A 488 22.37 -25.73 27.75
C ASP A 488 22.42 -26.94 26.81
N SER A 489 21.94 -26.82 25.59
CA SER A 489 22.05 -27.89 24.64
C SER A 489 23.40 -27.83 23.96
N GLY A 490 23.69 -28.86 23.16
CA GLY A 490 24.87 -28.90 22.34
C GLY A 490 24.59 -28.41 20.93
N LEU A 491 25.56 -28.61 20.06
CA LEU A 491 25.48 -28.10 18.69
C LEU A 491 24.29 -28.61 17.91
N GLU A 492 23.69 -29.75 18.29
CA GLU A 492 22.43 -30.19 17.69
C GLU A 492 21.41 -30.42 18.79
N VAL A 493 20.16 -30.02 18.53
CA VAL A 493 19.16 -30.05 19.59
C VAL A 493 17.77 -30.05 18.95
N ASN A 494 16.86 -30.84 19.54
CA ASN A 494 15.43 -30.73 19.26
C ASN A 494 14.77 -29.98 20.40
N ILE A 495 13.85 -29.07 20.08
CA ILE A 495 13.14 -28.30 21.10
C ILE A 495 11.66 -28.36 20.80
N VAL A 496 10.87 -28.68 21.82
CA VAL A 496 9.42 -28.77 21.74
C VAL A 496 8.88 -27.67 22.64
N THR A 497 8.11 -26.77 22.04
CA THR A 497 7.49 -25.67 22.75
C THR A 497 5.97 -25.81 22.65
N ASP A 498 5.26 -25.28 23.64
CA ASP A 498 3.81 -25.14 23.50
C ASP A 498 3.41 -23.71 23.16
N SER A 499 4.31 -22.92 22.60
CA SER A 499 4.13 -21.48 22.43
C SER A 499 4.19 -21.08 20.95
N GLN A 500 3.02 -21.02 20.30
CA GLN A 500 3.00 -20.59 18.90
C GLN A 500 3.52 -19.17 18.71
N TYR A 501 3.46 -18.33 19.74
CA TYR A 501 4.14 -17.04 19.70
C TYR A 501 5.61 -17.21 19.36
N ALA A 502 6.37 -17.86 20.26
CA ALA A 502 7.81 -18.03 20.05
C ALA A 502 8.07 -18.83 18.79
N LEU A 503 7.22 -19.81 18.48
CA LEU A 503 7.39 -20.59 17.26
C LEU A 503 7.32 -19.69 16.02
N GLY A 504 6.30 -18.83 15.93
CA GLY A 504 6.22 -17.93 14.79
C GLY A 504 7.43 -17.01 14.68
N ILE A 505 7.85 -16.44 15.81
CA ILE A 505 9.04 -15.58 15.79
C ILE A 505 10.24 -16.35 15.23
N ILE A 506 10.51 -17.54 15.78
CA ILE A 506 11.75 -18.24 15.44
C ILE A 506 11.68 -18.91 14.07
N GLN A 507 10.50 -19.35 13.63
CA GLN A 507 10.37 -19.90 12.29
C GLN A 507 10.63 -18.83 11.25
N ALA A 508 10.18 -17.60 11.53
CA ALA A 508 10.40 -16.48 10.60
C ALA A 508 11.89 -16.22 10.29
N GLN A 509 12.82 -16.78 11.06
CA GLN A 509 14.27 -16.71 10.85
C GLN A 509 14.81 -15.29 10.99
N PRO A 510 14.50 -14.58 12.07
CA PRO A 510 15.03 -13.23 12.22
C PRO A 510 16.54 -13.25 12.45
N ASP A 511 17.22 -12.24 11.90
CA ASP A 511 18.59 -11.96 12.30
C ASP A 511 18.69 -10.71 13.16
N GLN A 512 17.60 -9.97 13.34
CA GLN A 512 17.58 -8.77 14.17
C GLN A 512 16.26 -8.68 14.90
N SER A 513 16.34 -8.17 16.11
CA SER A 513 15.17 -7.95 16.94
C SER A 513 15.37 -6.65 17.70
N GLU A 514 14.25 -6.02 18.06
CA GLU A 514 14.36 -4.94 19.04
C GLU A 514 14.38 -5.48 20.46
N SER A 515 14.12 -6.78 20.62
CA SER A 515 14.16 -7.45 21.91
C SER A 515 15.55 -8.03 22.16
N GLU A 516 16.20 -7.58 23.24
CA GLU A 516 17.50 -8.14 23.59
C GLU A 516 17.43 -9.67 23.72
N LEU A 517 16.34 -10.19 24.30
CA LEU A 517 16.21 -11.63 24.50
C LEU A 517 16.15 -12.38 23.17
N VAL A 518 15.32 -11.91 22.23
CA VAL A 518 15.29 -12.54 20.92
C VAL A 518 16.66 -12.48 20.25
N ASN A 519 17.42 -11.40 20.47
CA ASN A 519 18.76 -11.34 19.88
C ASN A 519 19.68 -12.38 20.50
N GLN A 520 19.64 -12.55 21.82
CA GLN A 520 20.44 -13.60 22.45
C GLN A 520 20.07 -14.97 21.89
N ILE A 521 18.76 -15.20 21.74
CA ILE A 521 18.27 -16.42 21.09
C ILE A 521 18.86 -16.57 19.70
N ILE A 522 18.84 -15.49 18.92
CA ILE A 522 19.35 -15.51 17.55
C ILE A 522 20.81 -15.88 17.53
N GLU A 523 21.59 -15.28 18.43
CA GLU A 523 23.01 -15.58 18.48
C GLU A 523 23.22 -17.07 18.73
N GLN A 524 22.50 -17.61 19.71
CA GLN A 524 22.49 -19.04 19.94
C GLN A 524 22.16 -19.81 18.67
N LEU A 525 21.08 -19.42 17.99
CA LEU A 525 20.66 -20.19 16.81
C LEU A 525 21.73 -20.16 15.74
N ILE A 526 22.48 -19.06 15.64
CA ILE A 526 23.51 -18.98 14.62
C ILE A 526 24.68 -19.87 14.98
N LYS A 527 24.92 -20.05 16.28
CA LYS A 527 26.03 -20.89 16.74
C LYS A 527 25.78 -22.40 16.58
N LYS A 528 24.53 -22.83 16.36
CA LYS A 528 24.18 -24.24 16.32
C LYS A 528 24.36 -24.83 14.93
N GLU A 529 24.71 -26.12 14.88
CA GLU A 529 24.80 -26.83 13.60
C GLU A 529 23.41 -27.19 13.08
N LYS A 530 22.60 -27.86 13.91
CA LYS A 530 21.26 -28.26 13.52
C LYS A 530 20.30 -27.96 14.65
N VAL A 531 19.13 -27.37 14.33
CA VAL A 531 18.10 -27.06 15.32
C VAL A 531 16.74 -27.42 14.74
N TYR A 532 15.95 -28.20 15.50
CA TYR A 532 14.59 -28.55 15.11
C TYR A 532 13.62 -28.06 16.18
N LEU A 533 12.69 -27.21 15.77
CA LEU A 533 11.72 -26.63 16.68
C LEU A 533 10.34 -27.16 16.35
N ALA A 534 9.68 -27.73 17.35
CA ALA A 534 8.41 -28.39 17.15
C ALA A 534 7.40 -27.83 18.14
N TRP A 535 6.14 -27.90 17.77
CA TRP A 535 5.11 -27.29 18.59
C TRP A 535 4.11 -28.35 19.04
N VAL A 536 3.61 -28.17 20.25
CA VAL A 536 2.54 -29.03 20.75
C VAL A 536 1.54 -28.18 21.53
N PRO A 537 0.27 -28.58 21.52
CA PRO A 537 -0.73 -27.87 22.31
C PRO A 537 -0.46 -28.01 23.80
N ALA A 538 -0.57 -26.88 24.49
CA ALA A 538 -0.36 -26.83 25.93
C ALA A 538 -1.52 -27.49 26.68
N HIS A 539 -1.22 -27.93 27.91
CA HIS A 539 -2.24 -28.44 28.84
C HIS A 539 -3.12 -29.51 28.23
N LYS A 540 -2.53 -30.42 27.45
CA LYS A 540 -3.27 -31.56 26.95
C LYS A 540 -2.60 -32.86 27.37
N GLY A 541 -1.68 -32.78 28.34
CA GLY A 541 -1.05 -33.97 28.87
C GLY A 541 0.01 -34.57 28.00
N ILE A 542 0.44 -33.86 26.96
CA ILE A 542 1.38 -34.44 25.99
C ILE A 542 2.74 -34.62 26.64
N GLY A 543 3.35 -35.77 26.37
CA GLY A 543 4.33 -36.37 27.27
C GLY A 543 5.40 -35.47 27.85
N GLY A 544 6.33 -35.00 27.04
CA GLY A 544 7.41 -34.21 27.62
C GLY A 544 6.91 -32.88 28.14
N ASN A 545 5.93 -32.30 27.44
CA ASN A 545 5.42 -30.96 27.74
C ASN A 545 4.78 -30.90 29.11
N GLU A 546 4.10 -31.99 29.51
CA GLU A 546 3.42 -32.04 30.80
C GLU A 546 4.38 -31.83 31.97
N GLN A 547 5.58 -32.44 31.90
CA GLN A 547 6.51 -32.36 33.02
C GLN A 547 7.10 -30.96 33.17
N VAL A 548 7.44 -30.33 32.05
CA VAL A 548 7.91 -28.95 32.10
C VAL A 548 6.82 -28.05 32.65
N ASP A 549 5.60 -28.25 32.19
CA ASP A 549 4.51 -27.42 32.66
C ASP A 549 4.37 -27.54 34.18
N LYS A 550 4.49 -28.77 34.70
CA LYS A 550 4.43 -28.96 36.15
C LYS A 550 5.60 -28.30 36.86
N LEU A 551 6.78 -28.24 36.21
CA LEU A 551 7.97 -27.62 36.82
C LEU A 551 7.87 -26.10 36.87
N VAL A 552 7.56 -25.46 35.74
CA VAL A 552 7.55 -24.00 35.72
C VAL A 552 6.29 -23.43 36.36
N SER A 553 5.29 -24.28 36.64
CA SER A 553 4.05 -23.82 37.26
C SER A 553 4.16 -23.71 38.78
N ALA A 554 5.15 -24.36 39.39
CA ALA A 554 5.24 -24.43 40.85
C ALA A 554 5.12 -23.05 41.52
N GLY A 555 5.81 -22.05 40.99
CA GLY A 555 5.65 -20.72 41.56
C GLY A 555 4.28 -20.09 41.33
N ILE A 556 3.47 -20.63 40.43
CA ILE A 556 2.20 -20.00 40.01
C ILE A 556 1.05 -21.03 39.90
N GLU B 18 -34.19 10.44 -17.29
CA GLU B 18 -34.81 10.71 -16.00
C GLU B 18 -34.12 9.92 -14.89
N THR B 19 -33.59 10.63 -13.88
CA THR B 19 -32.70 10.04 -12.88
C THR B 19 -33.45 9.57 -11.62
N VAL B 20 -32.73 8.84 -10.78
CA VAL B 20 -33.23 8.23 -9.55
C VAL B 20 -32.37 8.73 -8.40
N PRO B 21 -32.96 9.41 -7.40
CA PRO B 21 -32.14 9.95 -6.30
C PRO B 21 -31.54 8.85 -5.44
N VAL B 22 -30.29 9.04 -5.05
CA VAL B 22 -29.57 8.14 -4.16
C VAL B 22 -28.91 8.96 -3.06
N LYS B 23 -28.96 8.45 -1.84
CA LYS B 23 -28.25 9.05 -0.71
C LYS B 23 -27.14 8.12 -0.26
N LEU B 24 -26.27 8.64 0.59
CA LEU B 24 -25.32 7.80 1.29
C LEU B 24 -25.98 7.21 2.53
N LYS B 25 -25.28 6.29 3.18
CA LYS B 25 -25.76 5.78 4.45
C LYS B 25 -25.69 6.89 5.51
N PRO B 26 -26.68 6.99 6.38
CA PRO B 26 -26.71 8.11 7.34
C PRO B 26 -25.47 8.11 8.22
N GLY B 27 -24.94 9.32 8.43
CA GLY B 27 -23.73 9.46 9.22
C GLY B 27 -22.45 9.16 8.47
N MET B 28 -22.48 9.16 7.14
CA MET B 28 -21.32 8.78 6.35
C MET B 28 -21.08 9.77 5.23
N ASP B 29 -19.81 10.17 5.04
CA ASP B 29 -19.40 10.98 3.92
C ASP B 29 -18.93 10.09 2.78
N GLY B 30 -18.66 10.71 1.63
CA GLY B 30 -18.23 9.98 0.47
C GLY B 30 -16.77 9.60 0.57
N PRO B 31 -16.33 8.76 -0.38
CA PRO B 31 -14.96 8.25 -0.33
C PRO B 31 -13.93 9.37 -0.41
N LYS B 32 -12.83 9.19 0.31
CA LYS B 32 -11.69 10.10 0.31
C LYS B 32 -10.39 9.33 0.18
N VAL B 33 -10.30 8.50 -0.85
CA VAL B 33 -9.21 7.54 -1.02
C VAL B 33 -8.18 8.07 -2.02
N LYS B 34 -6.93 8.17 -1.58
CA LYS B 34 -5.87 8.69 -2.45
C LYS B 34 -5.58 7.73 -3.60
N GLN B 35 -5.25 8.30 -4.75
CA GLN B 35 -4.88 7.50 -5.91
C GLN B 35 -3.47 6.94 -5.75
N TRP B 36 -3.26 5.74 -6.27
CA TRP B 36 -1.95 5.13 -6.17
C TRP B 36 -1.19 5.31 -7.47
N PRO B 37 0.13 5.07 -7.46
CA PRO B 37 0.92 5.30 -8.67
C PRO B 37 0.54 4.34 -9.79
N LEU B 38 0.25 4.90 -10.96
CA LEU B 38 -0.02 4.09 -12.13
C LEU B 38 1.19 4.08 -13.05
N THR B 39 1.31 2.99 -13.82
CA THR B 39 2.36 2.89 -14.81
C THR B 39 2.01 3.74 -16.03
N GLU B 40 3.02 3.96 -16.87
CA GLU B 40 2.82 4.75 -18.06
C GLU B 40 1.74 4.15 -18.96
N GLU B 41 1.78 2.83 -19.16
CA GLU B 41 0.80 2.24 -20.06
C GLU B 41 -0.61 2.39 -19.50
N LYS B 42 -0.76 2.33 -18.18
CA LYS B 42 -2.08 2.49 -17.60
C LYS B 42 -2.52 3.95 -17.64
N ILE B 43 -1.64 4.90 -17.33
CA ILE B 43 -2.05 6.30 -17.41
C ILE B 43 -2.41 6.67 -18.84
N LYS B 44 -1.61 6.22 -19.82
CA LYS B 44 -1.94 6.50 -21.20
C LYS B 44 -3.32 5.94 -21.57
N ALA B 45 -3.57 4.66 -21.22
CA ALA B 45 -4.87 4.09 -21.55
C ALA B 45 -6.00 4.85 -20.85
N LEU B 46 -5.78 5.25 -19.59
CA LEU B 46 -6.82 5.98 -18.85
C LEU B 46 -7.10 7.33 -19.48
N VAL B 47 -6.06 8.02 -19.95
CA VAL B 47 -6.25 9.34 -20.54
C VAL B 47 -7.04 9.23 -21.83
N GLU B 48 -6.66 8.28 -22.69
CA GLU B 48 -7.38 8.12 -23.94
C GLU B 48 -8.84 7.74 -23.69
N ILE B 49 -9.07 6.77 -22.78
CA ILE B 49 -10.43 6.35 -22.46
C ILE B 49 -11.24 7.51 -21.88
N CYS B 50 -10.63 8.28 -20.97
CA CYS B 50 -11.34 9.40 -20.35
C CYS B 50 -11.65 10.50 -21.35
N THR B 51 -10.75 10.78 -22.28
CA THR B 51 -11.04 11.73 -23.34
C THR B 51 -12.31 11.31 -24.08
N GLU B 52 -12.38 10.04 -24.48
CA GLU B 52 -13.58 9.58 -25.16
C GLU B 52 -14.80 9.66 -24.25
N MET B 53 -14.64 9.31 -22.98
CA MET B 53 -15.77 9.29 -22.06
C MET B 53 -16.32 10.70 -21.84
N GLU B 54 -15.46 11.69 -21.84
CA GLU B 54 -15.90 13.05 -21.62
C GLU B 54 -16.48 13.65 -22.90
N LYS B 55 -15.97 13.25 -24.07
CA LYS B 55 -16.58 13.65 -25.33
C LYS B 55 -18.03 13.19 -25.41
N GLU B 56 -18.32 12.00 -24.88
CA GLU B 56 -19.65 11.41 -24.90
C GLU B 56 -20.51 11.83 -23.71
N GLY B 57 -20.07 12.82 -22.94
CA GLY B 57 -20.81 13.31 -21.79
C GLY B 57 -21.00 12.33 -20.65
N LYS B 58 -20.27 11.21 -20.63
CA LYS B 58 -20.39 10.27 -19.51
C LYS B 58 -19.68 10.78 -18.26
N ILE B 59 -18.62 11.59 -18.43
CA ILE B 59 -17.88 12.17 -17.32
C ILE B 59 -17.59 13.64 -17.63
N SER B 60 -17.38 14.40 -16.56
CA SER B 60 -17.04 15.81 -16.67
C SER B 60 -15.83 16.11 -15.80
N LYS B 61 -15.07 17.10 -16.23
CA LYS B 61 -13.93 17.55 -15.45
C LYS B 61 -14.42 18.22 -14.17
N ILE B 62 -13.61 18.14 -13.13
CA ILE B 62 -13.88 18.81 -11.86
C ILE B 62 -12.57 19.31 -11.27
N GLY B 63 -12.69 20.02 -10.15
CA GLY B 63 -11.53 20.57 -9.51
C GLY B 63 -11.45 20.22 -8.04
N PRO B 64 -10.64 20.99 -7.32
CA PRO B 64 -10.36 20.66 -5.90
C PRO B 64 -11.52 20.87 -4.96
N GLU B 65 -12.56 21.60 -5.35
CA GLU B 65 -13.64 21.91 -4.41
C GLU B 65 -14.53 20.70 -4.15
N ASN B 66 -14.54 19.72 -5.04
CA ASN B 66 -15.08 18.41 -4.72
C ASN B 66 -14.10 17.72 -3.79
N PRO B 67 -14.47 17.39 -2.56
CA PRO B 67 -13.52 16.82 -1.59
C PRO B 67 -13.35 15.31 -1.68
N TYR B 68 -14.00 14.64 -2.62
CA TYR B 68 -14.07 13.19 -2.64
C TYR B 68 -13.10 12.61 -3.67
N ASN B 69 -12.66 11.37 -3.43
CA ASN B 69 -11.82 10.72 -4.43
C ASN B 69 -11.84 9.21 -4.25
N THR B 70 -11.67 8.52 -5.38
CA THR B 70 -11.75 7.08 -5.48
C THR B 70 -10.70 6.70 -6.52
N PRO B 71 -9.82 5.75 -6.21
CA PRO B 71 -8.72 5.44 -7.12
C PRO B 71 -9.22 4.78 -8.38
N VAL B 72 -8.44 4.94 -9.45
CA VAL B 72 -8.78 4.37 -10.75
C VAL B 72 -7.53 3.73 -11.32
N PHE B 73 -7.72 2.72 -12.17
CA PHE B 73 -6.62 2.10 -12.90
C PHE B 73 -7.19 1.45 -14.15
N ALA B 74 -6.38 0.63 -14.82
CA ALA B 74 -6.80 0.02 -16.07
C ALA B 74 -6.29 -1.40 -16.17
N ILE B 75 -7.06 -2.26 -16.83
CA ILE B 75 -6.64 -3.63 -17.06
C ILE B 75 -6.82 -3.97 -18.53
N LYS B 76 -5.93 -4.83 -19.03
CA LYS B 76 -5.92 -5.24 -20.43
C LYS B 76 -6.37 -6.71 -20.45
N LYS B 77 -7.63 -6.93 -20.81
CA LYS B 77 -8.23 -8.26 -20.66
C LYS B 77 -7.81 -9.27 -21.74
N SER B 80 -6.66 -9.07 -25.66
CA SER B 80 -7.16 -7.93 -26.42
C SER B 80 -6.20 -6.74 -26.34
N THR B 81 -6.23 -5.90 -27.37
CA THR B 81 -5.44 -4.69 -27.43
C THR B 81 -6.21 -3.46 -26.93
N LYS B 82 -7.40 -3.66 -26.36
CA LYS B 82 -8.19 -2.61 -25.74
C LYS B 82 -8.07 -2.70 -24.23
N TRP B 83 -7.94 -1.54 -23.58
CA TRP B 83 -7.92 -1.43 -22.13
C TRP B 83 -9.32 -1.20 -21.61
N ARG B 84 -9.51 -1.54 -20.34
CA ARG B 84 -10.77 -1.31 -19.63
C ARG B 84 -10.45 -0.54 -18.36
N LYS B 85 -11.11 0.61 -18.20
CA LYS B 85 -10.94 1.38 -16.99
C LYS B 85 -11.64 0.65 -15.85
N LEU B 86 -11.06 0.75 -14.67
CA LEU B 86 -11.60 0.09 -13.49
C LEU B 86 -11.49 1.07 -12.34
N VAL B 87 -12.61 1.33 -11.67
CA VAL B 87 -12.64 2.24 -10.54
C VAL B 87 -12.85 1.42 -9.27
N ASP B 88 -11.96 1.62 -8.29
CA ASP B 88 -12.04 0.89 -7.03
C ASP B 88 -13.12 1.53 -6.15
N PHE B 89 -14.37 1.21 -6.47
CA PHE B 89 -15.49 1.75 -5.68
C PHE B 89 -15.75 0.97 -4.40
N ARG B 90 -14.79 0.19 -3.89
CA ARG B 90 -15.06 -0.54 -2.65
C ARG B 90 -15.57 0.39 -1.55
N GLU B 91 -14.94 1.54 -1.39
CA GLU B 91 -15.31 2.44 -0.31
C GLU B 91 -16.69 3.05 -0.57
N LEU B 92 -16.85 3.70 -1.72
CA LEU B 92 -18.15 4.24 -2.08
C LEU B 92 -19.24 3.18 -1.94
N ASN B 93 -18.93 1.94 -2.33
CA ASN B 93 -19.90 0.87 -2.21
C ASN B 93 -20.26 0.61 -0.76
N LYS B 94 -19.27 0.55 0.13
CA LYS B 94 -19.56 0.41 1.55
C LYS B 94 -20.49 1.53 2.00
N ARG B 95 -20.23 2.75 1.53
CA ARG B 95 -20.89 3.94 2.02
C ARG B 95 -22.20 4.26 1.29
N THR B 96 -22.66 3.38 0.39
CA THR B 96 -23.82 3.68 -0.44
C THR B 96 -25.07 2.98 0.06
N GLN B 97 -26.18 3.72 0.05
CA GLN B 97 -27.46 3.29 0.62
C GLN B 97 -27.85 1.89 0.16
N ASP B 98 -28.37 1.10 1.10
CA ASP B 98 -28.73 -0.28 0.81
C ASP B 98 -30.05 -0.34 0.03
N HIS B 108 -31.41 -14.77 -5.16
CA HIS B 108 -30.17 -15.27 -5.75
C HIS B 108 -30.30 -16.72 -6.16
N PRO B 109 -30.05 -17.01 -7.43
CA PRO B 109 -30.35 -18.34 -7.94
C PRO B 109 -29.46 -19.43 -7.37
N ALA B 110 -30.00 -20.18 -6.42
CA ALA B 110 -29.26 -21.29 -5.82
C ALA B 110 -29.02 -22.42 -6.82
N GLY B 111 -29.64 -22.36 -8.00
CA GLY B 111 -29.39 -23.35 -9.04
C GLY B 111 -28.27 -23.01 -9.99
N LEU B 112 -27.73 -21.79 -9.92
CA LEU B 112 -26.63 -21.43 -10.80
C LEU B 112 -25.35 -22.21 -10.48
N LYS B 113 -25.12 -22.54 -9.20
CA LYS B 113 -23.92 -23.27 -8.80
C LYS B 113 -23.89 -24.71 -9.32
N LYS B 114 -24.86 -25.12 -10.15
CA LYS B 114 -24.98 -26.49 -10.60
C LYS B 114 -25.02 -26.64 -12.12
N LYS B 115 -24.88 -25.55 -12.87
CA LYS B 115 -24.93 -25.65 -14.33
C LYS B 115 -23.66 -26.29 -14.87
N LYS B 116 -23.82 -27.08 -15.94
CA LYS B 116 -22.66 -27.77 -16.50
C LYS B 116 -21.60 -26.80 -16.99
N SER B 117 -22.00 -25.59 -17.38
CA SER B 117 -21.03 -24.57 -17.76
C SER B 117 -21.67 -23.20 -17.55
N VAL B 118 -20.85 -22.24 -17.15
CA VAL B 118 -21.27 -20.88 -16.84
C VAL B 118 -20.31 -19.89 -17.47
N THR B 119 -20.84 -18.97 -18.27
CA THR B 119 -20.05 -17.95 -18.95
C THR B 119 -20.28 -16.58 -18.31
N VAL B 120 -19.28 -15.71 -18.40
CA VAL B 120 -19.25 -14.45 -17.67
C VAL B 120 -19.12 -13.31 -18.68
N LEU B 121 -20.24 -12.64 -18.98
CA LEU B 121 -20.25 -11.53 -19.94
C LEU B 121 -20.13 -10.19 -19.23
N ASP B 122 -19.34 -9.29 -19.81
CA ASP B 122 -19.22 -7.92 -19.30
C ASP B 122 -20.33 -7.06 -19.92
N VAL B 123 -21.31 -6.69 -19.10
CA VAL B 123 -22.41 -5.84 -19.54
C VAL B 123 -22.38 -4.49 -18.84
N GLY B 124 -21.22 -4.07 -18.33
CA GLY B 124 -21.12 -2.77 -17.69
C GLY B 124 -21.44 -1.61 -18.62
N ASP B 125 -21.20 -1.81 -19.92
CA ASP B 125 -21.43 -0.76 -20.91
C ASP B 125 -22.87 -0.25 -20.86
N ALA B 126 -23.83 -1.13 -20.56
CA ALA B 126 -25.21 -0.72 -20.38
C ALA B 126 -25.33 0.54 -19.51
N TYR B 127 -24.65 0.54 -18.37
CA TYR B 127 -24.80 1.61 -17.40
C TYR B 127 -24.48 2.99 -17.96
N PHE B 128 -23.71 3.06 -19.04
CA PHE B 128 -23.36 4.38 -19.56
C PHE B 128 -24.53 5.08 -20.22
N SER B 129 -25.71 4.47 -20.24
CA SER B 129 -26.86 5.12 -20.85
C SER B 129 -27.80 5.76 -19.84
N VAL B 130 -27.83 5.29 -18.60
CA VAL B 130 -28.73 5.85 -17.60
C VAL B 130 -28.04 7.06 -16.96
N PRO B 131 -28.70 8.20 -16.86
CA PRO B 131 -28.10 9.33 -16.12
C PRO B 131 -27.91 9.00 -14.65
N LEU B 132 -27.13 9.84 -13.98
CA LEU B 132 -26.80 9.67 -12.56
C LEU B 132 -27.31 10.86 -11.78
N ASP B 133 -27.94 10.59 -10.64
CA ASP B 133 -28.45 11.61 -9.73
C ASP B 133 -27.40 12.71 -9.53
N GLU B 134 -27.77 13.94 -9.91
CA GLU B 134 -26.80 15.04 -9.92
C GLU B 134 -26.17 15.21 -8.56
N ASP B 135 -26.99 15.27 -7.52
CA ASP B 135 -26.49 15.48 -6.17
C ASP B 135 -25.56 14.35 -5.75
N PHE B 136 -25.60 13.22 -6.44
CA PHE B 136 -24.74 12.10 -6.10
C PHE B 136 -23.43 12.10 -6.87
N ARG B 137 -23.38 12.78 -8.02
CA ARG B 137 -22.20 12.72 -8.90
C ARG B 137 -20.91 13.04 -8.15
N LYS B 138 -20.96 14.01 -7.23
CA LYS B 138 -19.73 14.42 -6.54
C LYS B 138 -19.03 13.25 -5.84
N TYR B 139 -19.76 12.18 -5.52
CA TYR B 139 -19.14 11.08 -4.79
C TYR B 139 -18.36 10.13 -5.67
N THR B 140 -18.51 10.22 -7.00
CA THR B 140 -17.80 9.36 -7.95
C THR B 140 -16.52 10.02 -8.48
N ALA B 141 -15.99 11.02 -7.78
CA ALA B 141 -14.80 11.72 -8.24
C ALA B 141 -13.59 10.79 -8.29
N PHE B 142 -12.75 10.98 -9.31
CA PHE B 142 -11.48 10.27 -9.42
C PHE B 142 -10.44 11.16 -10.08
N THR B 143 -9.18 10.77 -9.94
CA THR B 143 -8.04 11.58 -10.39
C THR B 143 -7.14 10.78 -11.32
N ILE B 144 -6.88 11.32 -12.51
CA ILE B 144 -5.89 10.77 -13.43
C ILE B 144 -4.53 11.34 -13.04
N PRO B 145 -3.56 10.52 -12.69
CA PRO B 145 -2.25 11.06 -12.33
C PRO B 145 -1.37 11.25 -13.53
N SER B 146 -0.16 11.67 -13.27
CA SER B 146 0.77 12.18 -14.25
C SER B 146 2.11 11.48 -14.04
N ILE B 147 2.77 11.09 -15.13
CA ILE B 147 4.09 10.52 -14.93
C ILE B 147 4.98 11.58 -14.29
N ASN B 148 5.67 11.20 -13.22
CA ASN B 148 6.67 12.06 -12.61
C ASN B 148 6.06 13.40 -12.21
N ASN B 149 4.75 13.39 -11.95
CA ASN B 149 4.05 14.58 -11.47
C ASN B 149 4.33 15.76 -12.37
N GLU B 150 4.30 15.52 -13.68
CA GLU B 150 4.42 16.61 -14.63
C GLU B 150 3.31 17.62 -14.42
N THR B 151 2.13 17.14 -14.07
CA THR B 151 0.96 18.00 -13.85
C THR B 151 0.31 17.61 -12.54
N PRO B 152 -0.47 18.51 -11.95
CA PRO B 152 -1.38 18.08 -10.89
C PRO B 152 -2.29 17.00 -11.43
N GLY B 153 -2.90 16.23 -10.55
CA GLY B 153 -3.89 15.28 -11.00
C GLY B 153 -5.04 15.97 -11.71
N ILE B 154 -5.62 15.28 -12.69
CA ILE B 154 -6.73 15.85 -13.43
C ILE B 154 -7.96 15.02 -13.11
N ARG B 155 -8.96 15.68 -12.52
CA ARG B 155 -10.06 15.03 -11.83
C ARG B 155 -11.34 15.02 -12.66
N TYR B 156 -12.11 13.93 -12.51
CA TYR B 156 -13.38 13.77 -13.19
C TYR B 156 -14.43 13.31 -12.20
N GLN B 157 -15.69 13.47 -12.62
CA GLN B 157 -16.83 12.84 -11.95
C GLN B 157 -17.78 12.35 -13.03
N TYR B 158 -18.70 11.49 -12.62
CA TYR B 158 -19.54 10.72 -13.53
C TYR B 158 -20.88 11.41 -13.72
N ASN B 159 -21.44 11.30 -14.92
CA ASN B 159 -22.77 11.80 -15.22
C ASN B 159 -23.73 10.67 -15.55
N VAL B 160 -23.26 9.43 -15.49
CA VAL B 160 -24.02 8.24 -15.81
C VAL B 160 -23.69 7.21 -14.75
N LEU B 161 -24.44 6.11 -14.74
CA LEU B 161 -24.15 5.05 -13.79
C LEU B 161 -22.74 4.54 -14.03
N PRO B 162 -21.87 4.58 -13.04
CA PRO B 162 -20.50 4.07 -13.22
C PRO B 162 -20.45 2.55 -13.13
N GLN B 163 -19.58 1.96 -13.94
CA GLN B 163 -19.20 0.56 -13.73
C GLN B 163 -18.48 0.43 -12.40
N GLY B 164 -18.70 -0.70 -11.73
CA GLY B 164 -18.02 -0.98 -10.48
C GLY B 164 -18.70 -0.44 -9.25
N TRP B 165 -19.86 0.20 -9.40
CA TRP B 165 -20.62 0.78 -8.30
C TRP B 165 -21.84 -0.08 -8.01
N LYS B 166 -22.04 -0.42 -6.73
CA LYS B 166 -23.18 -1.21 -6.29
C LYS B 166 -24.50 -0.68 -6.85
N GLY B 167 -24.64 0.64 -6.92
CA GLY B 167 -25.90 1.22 -7.35
C GLY B 167 -26.22 0.99 -8.81
N SER B 168 -25.21 0.69 -9.63
CA SER B 168 -25.47 0.61 -11.07
C SER B 168 -26.33 -0.60 -11.44
N PRO B 169 -26.02 -1.83 -11.02
CA PRO B 169 -26.97 -2.93 -11.29
C PRO B 169 -28.33 -2.70 -10.65
N ALA B 170 -28.34 -2.12 -9.44
CA ALA B 170 -29.59 -1.82 -8.75
C ALA B 170 -30.49 -0.94 -9.61
N ILE B 171 -29.98 0.22 -10.04
CA ILE B 171 -30.81 1.17 -10.78
C ILE B 171 -31.12 0.63 -12.18
N PHE B 172 -30.19 -0.09 -12.78
CA PHE B 172 -30.45 -0.62 -14.10
C PHE B 172 -31.29 -1.90 -14.08
N GLN B 173 -31.60 -2.42 -12.89
CA GLN B 173 -32.23 -3.74 -12.77
C GLN B 173 -33.48 -3.85 -13.63
N SER B 174 -34.33 -2.82 -13.62
CA SER B 174 -35.61 -2.89 -14.31
C SER B 174 -35.41 -3.01 -15.82
N SER B 175 -34.50 -2.20 -16.37
CA SER B 175 -34.18 -2.29 -17.79
C SER B 175 -33.51 -3.62 -18.12
N MET B 176 -32.69 -4.14 -17.21
CA MET B 176 -32.08 -5.45 -17.45
C MET B 176 -33.13 -6.54 -17.51
N THR B 177 -34.11 -6.50 -16.61
CA THR B 177 -35.21 -7.45 -16.64
C THR B 177 -35.97 -7.37 -17.96
N LYS B 178 -36.29 -6.15 -18.40
CA LYS B 178 -37.01 -6.01 -19.67
C LYS B 178 -36.18 -6.52 -20.84
N ILE B 179 -34.87 -6.29 -20.80
CA ILE B 179 -33.97 -6.75 -21.87
C ILE B 179 -33.90 -8.27 -21.90
N LEU B 180 -33.84 -8.90 -20.75
CA LEU B 180 -33.64 -10.34 -20.69
C LEU B 180 -34.94 -11.14 -20.64
N GLU B 181 -36.10 -10.47 -20.63
CA GLU B 181 -37.37 -11.20 -20.60
C GLU B 181 -37.51 -12.23 -21.73
N PRO B 182 -37.40 -11.83 -23.02
CA PRO B 182 -37.62 -12.82 -24.08
C PRO B 182 -36.55 -13.90 -24.15
N PHE B 183 -35.30 -13.60 -23.76
CA PHE B 183 -34.28 -14.63 -23.81
C PHE B 183 -34.53 -15.69 -22.74
N ARG B 184 -35.01 -15.28 -21.57
CA ARG B 184 -35.33 -16.25 -20.53
C ARG B 184 -36.61 -17.02 -20.85
N LYS B 185 -37.59 -16.38 -21.49
CA LYS B 185 -38.79 -17.12 -21.89
C LYS B 185 -38.43 -18.20 -22.91
N GLN B 186 -37.72 -17.81 -23.97
CA GLN B 186 -37.27 -18.72 -25.02
C GLN B 186 -36.20 -19.69 -24.54
N ASN B 187 -35.65 -19.50 -23.33
CA ASN B 187 -34.69 -20.43 -22.73
C ASN B 187 -34.99 -20.52 -21.25
N PRO B 188 -35.99 -21.32 -20.86
CA PRO B 188 -36.36 -21.38 -19.44
C PRO B 188 -35.38 -22.17 -18.60
N ASP B 189 -34.54 -23.00 -19.23
CA ASP B 189 -33.52 -23.76 -18.50
C ASP B 189 -32.31 -22.90 -18.15
N ILE B 190 -31.95 -21.95 -19.01
CA ILE B 190 -30.77 -21.14 -18.79
C ILE B 190 -30.99 -20.23 -17.59
N VAL B 191 -29.94 -20.08 -16.77
CA VAL B 191 -29.99 -19.22 -15.59
C VAL B 191 -29.14 -17.99 -15.89
N ILE B 192 -29.75 -16.81 -15.85
CA ILE B 192 -29.02 -15.57 -16.08
C ILE B 192 -29.02 -14.78 -14.78
N TYR B 193 -27.83 -14.64 -14.19
CA TYR B 193 -27.65 -13.91 -12.95
C TYR B 193 -26.78 -12.68 -13.22
N GLN B 194 -27.01 -11.61 -12.48
CA GLN B 194 -26.25 -10.38 -12.64
C GLN B 194 -25.49 -10.09 -11.35
N TYR B 195 -24.21 -9.77 -11.46
CA TYR B 195 -23.45 -9.27 -10.33
C TYR B 195 -22.61 -8.09 -10.85
N MET B 196 -23.18 -6.92 -10.66
CA MET B 196 -22.60 -5.59 -10.70
C MET B 196 -22.11 -5.09 -12.04
N ASP B 197 -21.51 -5.96 -12.85
CA ASP B 197 -21.01 -5.54 -14.14
C ASP B 197 -21.12 -6.74 -15.07
N ASP B 198 -21.49 -7.88 -14.48
CA ASP B 198 -21.32 -9.13 -15.20
C ASP B 198 -22.62 -9.92 -15.19
N LEU B 199 -22.86 -10.60 -16.30
CA LEU B 199 -23.91 -11.59 -16.41
C LEU B 199 -23.29 -12.97 -16.34
N TYR B 200 -23.73 -13.77 -15.38
CA TYR B 200 -23.33 -15.16 -15.24
C TYR B 200 -24.43 -16.00 -15.87
N VAL B 201 -24.11 -16.63 -17.00
CA VAL B 201 -25.09 -17.38 -17.79
C VAL B 201 -24.78 -18.86 -17.60
N GLY B 202 -25.74 -19.61 -17.08
CA GLY B 202 -25.52 -21.00 -16.70
C GLY B 202 -26.42 -22.00 -17.41
N SER B 203 -25.82 -23.06 -17.96
CA SER B 203 -26.54 -24.08 -18.71
C SER B 203 -25.97 -25.47 -18.44
N ASP B 204 -26.79 -26.48 -18.71
CA ASP B 204 -26.37 -27.88 -18.70
C ASP B 204 -25.97 -28.37 -20.10
N LEU B 205 -25.88 -27.46 -21.06
CA LEU B 205 -25.64 -27.78 -22.45
C LEU B 205 -24.16 -28.09 -22.72
N GLU B 206 -23.91 -28.88 -23.76
CA GLU B 206 -22.56 -29.16 -24.21
C GLU B 206 -21.87 -27.88 -24.63
N ILE B 207 -20.59 -27.75 -24.27
CA ILE B 207 -19.86 -26.49 -24.31
C ILE B 207 -19.80 -25.87 -25.71
N GLY B 208 -20.24 -26.58 -26.73
CA GLY B 208 -20.21 -26.09 -28.10
C GLY B 208 -21.47 -25.34 -28.51
N GLN B 209 -22.64 -25.98 -28.37
CA GLN B 209 -23.88 -25.26 -28.58
C GLN B 209 -24.16 -24.28 -27.44
N HIS B 210 -23.53 -24.49 -26.28
CA HIS B 210 -23.55 -23.48 -25.22
C HIS B 210 -22.96 -22.17 -25.71
N ARG B 211 -21.78 -22.25 -26.35
CA ARG B 211 -21.17 -21.05 -26.93
C ARG B 211 -22.08 -20.41 -27.98
N THR B 212 -22.79 -21.25 -28.75
CA THR B 212 -23.79 -20.73 -29.68
C THR B 212 -24.85 -19.92 -28.94
N LYS B 213 -25.37 -20.46 -27.84
CA LYS B 213 -26.39 -19.73 -27.08
C LYS B 213 -25.83 -18.45 -26.46
N ILE B 214 -24.56 -18.46 -26.06
CA ILE B 214 -23.98 -17.25 -25.49
C ILE B 214 -23.83 -16.17 -26.56
N GLU B 215 -23.47 -16.57 -27.79
CA GLU B 215 -23.43 -15.56 -28.85
C GLU B 215 -24.83 -15.12 -29.25
N GLU B 216 -25.83 -15.99 -29.12
CA GLU B 216 -27.22 -15.57 -29.25
C GLU B 216 -27.52 -14.45 -28.26
N LEU B 217 -27.11 -14.64 -27.00
CA LEU B 217 -27.39 -13.65 -25.98
C LEU B 217 -26.59 -12.36 -26.20
N ARG B 218 -25.39 -12.47 -26.78
CA ARG B 218 -24.61 -11.26 -27.03
C ARG B 218 -25.17 -10.48 -28.20
N GLN B 219 -25.64 -11.16 -29.25
CA GLN B 219 -26.33 -10.49 -30.35
C GLN B 219 -27.67 -9.91 -29.87
N HIS B 220 -28.38 -10.65 -29.03
CA HIS B 220 -29.59 -10.15 -28.41
C HIS B 220 -29.34 -8.89 -27.58
N LEU B 221 -28.16 -8.79 -26.97
CA LEU B 221 -27.84 -7.68 -26.09
C LEU B 221 -27.36 -6.43 -26.83
N LEU B 222 -27.75 -6.27 -28.09
CA LEU B 222 -27.69 -4.98 -28.76
C LEU B 222 -29.10 -4.37 -28.69
N ARG B 223 -29.37 -3.74 -27.55
CA ARG B 223 -30.65 -3.10 -27.27
C ARG B 223 -30.46 -1.85 -26.42
N GLU B 245 -15.18 -19.02 -18.92
CA GLU B 245 -15.94 -20.26 -18.93
C GLU B 245 -15.70 -21.06 -17.65
N LEU B 246 -16.76 -21.26 -16.88
CA LEU B 246 -16.70 -21.87 -15.55
C LEU B 246 -17.55 -23.13 -15.52
N HIS B 247 -17.22 -24.00 -14.56
CA HIS B 247 -17.89 -25.29 -14.39
C HIS B 247 -18.11 -25.56 -12.91
N PRO B 248 -19.19 -25.01 -12.33
CA PRO B 248 -19.43 -25.21 -10.90
C PRO B 248 -19.79 -26.63 -10.53
N ASP B 249 -20.30 -27.44 -11.45
CA ASP B 249 -20.52 -28.84 -11.14
C ASP B 249 -19.20 -29.61 -11.00
N LYS B 250 -18.06 -28.95 -11.22
CA LYS B 250 -16.75 -29.54 -11.07
C LYS B 250 -15.94 -28.89 -9.94
N TRP B 251 -16.57 -28.06 -9.12
CA TRP B 251 -15.93 -27.52 -7.92
C TRP B 251 -16.02 -28.56 -6.81
N THR B 252 -14.95 -28.68 -6.03
CA THR B 252 -14.87 -29.74 -5.03
C THR B 252 -14.31 -29.18 -3.72
N VAL B 253 -14.66 -29.87 -2.64
CA VAL B 253 -14.21 -29.54 -1.29
C VAL B 253 -12.83 -30.14 -1.07
N GLN B 254 -11.94 -29.35 -0.47
CA GLN B 254 -10.64 -29.84 -0.01
C GLN B 254 -10.75 -30.23 1.46
N PRO B 255 -10.91 -31.51 1.78
CA PRO B 255 -11.08 -31.91 3.17
C PRO B 255 -9.74 -31.92 3.90
N ILE B 256 -9.83 -32.10 5.22
CA ILE B 256 -8.65 -32.34 6.05
C ILE B 256 -8.21 -33.79 5.89
N VAL B 257 -6.90 -34.01 5.84
CA VAL B 257 -6.34 -35.32 5.54
C VAL B 257 -5.28 -35.65 6.58
N LEU B 258 -5.24 -36.93 7.01
CA LEU B 258 -4.24 -37.33 7.99
C LEU B 258 -3.13 -38.16 7.35
N PRO B 259 -1.91 -38.08 7.86
CA PRO B 259 -0.81 -38.80 7.23
C PRO B 259 -0.97 -40.31 7.36
N GLU B 260 -0.69 -41.02 6.26
CA GLU B 260 -0.70 -42.48 6.22
C GLU B 260 0.73 -42.98 6.43
N LYS B 261 0.96 -43.69 7.53
CA LYS B 261 2.31 -44.15 7.84
C LYS B 261 2.26 -45.58 8.37
N ASP B 262 3.34 -46.32 8.12
CA ASP B 262 3.53 -47.64 8.69
C ASP B 262 4.58 -47.64 9.78
N SER B 263 5.07 -46.46 10.16
CA SER B 263 5.99 -46.28 11.28
C SER B 263 5.80 -44.86 11.79
N TRP B 264 5.60 -44.71 13.08
CA TRP B 264 5.28 -43.42 13.68
C TRP B 264 6.32 -43.06 14.73
N THR B 265 6.77 -41.80 14.74
CA THR B 265 7.71 -41.36 15.76
C THR B 265 7.01 -40.48 16.77
N VAL B 266 7.70 -40.25 17.89
CA VAL B 266 7.23 -39.28 18.88
C VAL B 266 6.92 -37.96 18.20
N ASN B 267 7.73 -37.57 17.22
CA ASN B 267 7.43 -36.36 16.48
C ASN B 267 6.18 -36.52 15.62
N ASP B 268 6.04 -37.67 14.93
CA ASP B 268 4.89 -37.87 14.08
C ASP B 268 3.61 -37.83 14.89
N ILE B 269 3.62 -38.48 16.05
CA ILE B 269 2.41 -38.53 16.88
C ILE B 269 2.14 -37.19 17.52
N GLN B 270 3.20 -36.47 17.94
CA GLN B 270 3.02 -35.12 18.47
C GLN B 270 2.40 -34.18 17.43
N LYS B 271 2.89 -34.24 16.18
CA LYS B 271 2.31 -33.42 15.12
C LYS B 271 0.86 -33.84 14.83
N LEU B 272 0.58 -35.15 14.91
CA LEU B 272 -0.78 -35.62 14.67
C LEU B 272 -1.73 -35.13 15.75
N VAL B 273 -1.31 -35.21 17.01
CA VAL B 273 -2.15 -34.79 18.10
C VAL B 273 -2.43 -33.30 18.02
N GLY B 274 -1.42 -32.50 17.66
CA GLY B 274 -1.68 -31.08 17.49
C GLY B 274 -2.69 -30.80 16.38
N LYS B 275 -2.49 -31.43 15.23
CA LYS B 275 -3.43 -31.28 14.12
C LYS B 275 -4.84 -31.71 14.51
N LEU B 276 -4.97 -32.84 15.21
CA LEU B 276 -6.29 -33.34 15.57
C LEU B 276 -6.94 -32.46 16.63
N ASN B 277 -6.14 -31.99 17.58
CA ASN B 277 -6.64 -31.04 18.57
C ASN B 277 -7.28 -29.84 17.89
N TRP B 278 -6.58 -29.24 16.94
CA TRP B 278 -7.17 -28.10 16.23
C TRP B 278 -8.41 -28.53 15.43
N ALA B 279 -8.30 -29.63 14.67
CA ALA B 279 -9.41 -30.10 13.88
C ALA B 279 -10.66 -30.34 14.72
N SER B 280 -10.49 -30.69 16.00
CA SER B 280 -11.67 -31.00 16.82
C SER B 280 -12.55 -29.78 17.02
N GLN B 281 -11.95 -28.59 17.05
CA GLN B 281 -12.71 -27.34 17.06
C GLN B 281 -13.67 -27.22 15.88
N ILE B 282 -13.48 -28.03 14.84
CA ILE B 282 -14.34 -28.04 13.67
C ILE B 282 -15.18 -29.30 13.60
N TYR B 283 -14.60 -30.44 13.97
CA TYR B 283 -15.33 -31.70 14.07
C TYR B 283 -15.27 -32.18 15.51
N PRO B 284 -16.27 -31.89 16.33
CA PRO B 284 -16.18 -32.28 17.75
C PRO B 284 -16.07 -33.77 17.96
N GLY B 285 -16.39 -34.59 16.95
CA GLY B 285 -16.22 -36.03 17.04
C GLY B 285 -14.78 -36.49 17.18
N ILE B 286 -13.80 -35.61 16.95
CA ILE B 286 -12.39 -35.99 16.96
C ILE B 286 -11.96 -36.30 18.38
N LYS B 287 -11.22 -37.39 18.55
CA LYS B 287 -10.76 -37.81 19.87
C LYS B 287 -9.26 -38.08 19.83
N VAL B 288 -8.57 -37.61 20.87
CA VAL B 288 -7.11 -37.66 20.93
C VAL B 288 -6.60 -38.40 22.17
N ARG B 289 -7.46 -38.65 23.15
CA ARG B 289 -7.03 -39.21 24.43
C ARG B 289 -6.13 -40.44 24.26
N GLN B 290 -6.47 -41.32 23.32
CA GLN B 290 -5.69 -42.56 23.16
C GLN B 290 -4.37 -42.33 22.43
N LEU B 291 -4.36 -41.51 21.38
CA LEU B 291 -3.09 -41.17 20.74
C LEU B 291 -2.20 -40.41 21.70
N SER B 292 -2.78 -39.48 22.44
CA SER B 292 -2.04 -38.74 23.45
C SER B 292 -1.47 -39.65 24.53
N LYS B 293 -2.17 -40.76 24.84
CA LYS B 293 -1.67 -41.72 25.82
C LYS B 293 -0.35 -42.36 25.38
N LEU B 294 -0.17 -42.56 24.07
CA LEU B 294 1.11 -43.04 23.55
C LEU B 294 2.27 -42.11 23.87
N LEU B 295 1.99 -40.84 24.19
CA LEU B 295 3.07 -39.87 24.34
C LEU B 295 3.58 -39.73 25.77
N ARG B 296 2.97 -40.40 26.75
CA ARG B 296 3.41 -40.26 28.14
C ARG B 296 4.92 -40.43 28.25
N GLY B 297 5.51 -39.69 29.18
CA GLY B 297 6.95 -39.73 29.38
C GLY B 297 7.68 -38.64 28.60
N THR B 298 9.00 -38.64 28.74
CA THR B 298 9.87 -37.61 28.16
C THR B 298 10.78 -38.27 27.12
N LYS B 299 10.28 -38.42 25.91
CA LYS B 299 10.95 -39.26 24.92
C LYS B 299 11.66 -38.43 23.85
N ALA B 300 12.65 -39.06 23.23
CA ALA B 300 13.34 -38.46 22.10
C ALA B 300 12.43 -38.38 20.87
N LEU B 301 12.45 -37.23 20.19
CA LEU B 301 11.52 -36.99 19.08
C LEU B 301 11.57 -38.07 18.01
N THR B 302 12.73 -38.66 17.78
CA THR B 302 12.86 -39.58 16.65
C THR B 302 12.55 -41.01 17.00
N GLU B 303 12.32 -41.30 18.27
CA GLU B 303 12.01 -42.64 18.74
C GLU B 303 10.75 -43.19 18.06
N VAL B 304 10.82 -44.45 17.63
CA VAL B 304 9.66 -45.09 17.00
C VAL B 304 8.71 -45.56 18.09
N ILE B 305 7.44 -45.21 17.96
CA ILE B 305 6.40 -45.59 18.91
C ILE B 305 5.35 -46.39 18.15
N PRO B 306 5.15 -47.67 18.46
CA PRO B 306 4.14 -48.44 17.74
C PRO B 306 2.75 -48.16 18.28
N LEU B 307 1.81 -47.99 17.36
CA LEU B 307 0.46 -47.67 17.77
C LEU B 307 -0.21 -48.90 18.38
N THR B 308 -0.86 -48.69 19.53
CA THR B 308 -1.70 -49.71 20.15
C THR B 308 -2.89 -50.04 19.26
N GLU B 309 -3.70 -51.01 19.68
CA GLU B 309 -4.97 -51.27 18.99
C GLU B 309 -5.93 -50.09 19.16
N GLU B 310 -6.02 -49.56 20.39
CA GLU B 310 -6.94 -48.46 20.67
C GLU B 310 -6.61 -47.23 19.84
N ALA B 311 -5.32 -46.90 19.75
CA ALA B 311 -4.92 -45.71 19.01
C ALA B 311 -5.10 -45.90 17.52
N GLU B 312 -4.87 -47.11 17.01
CA GLU B 312 -5.10 -47.37 15.59
C GLU B 312 -6.58 -47.22 15.26
N LEU B 313 -7.45 -47.71 16.13
CA LEU B 313 -8.89 -47.54 15.90
C LEU B 313 -9.29 -46.07 16.04
N GLU B 314 -8.72 -45.37 17.02
CA GLU B 314 -8.98 -43.95 17.17
C GLU B 314 -8.62 -43.20 15.90
N LEU B 315 -7.46 -43.52 15.32
CA LEU B 315 -7.02 -42.87 14.09
C LEU B 315 -7.94 -43.21 12.93
N ALA B 316 -8.43 -44.45 12.89
CA ALA B 316 -9.35 -44.82 11.81
C ALA B 316 -10.68 -44.09 11.95
N GLU B 317 -11.16 -43.97 13.19
CA GLU B 317 -12.41 -43.25 13.44
C GLU B 317 -12.26 -41.78 13.05
N ASN B 318 -11.18 -41.13 13.51
CA ASN B 318 -10.94 -39.74 13.14
C ASN B 318 -10.80 -39.58 11.63
N ARG B 319 -10.16 -40.56 10.99
CA ARG B 319 -10.07 -40.57 9.54
C ARG B 319 -11.46 -40.50 8.92
N GLU B 320 -12.39 -41.33 9.43
CA GLU B 320 -13.75 -41.33 8.89
C GLU B 320 -14.47 -40.02 9.21
N ILE B 321 -14.32 -39.53 10.44
CA ILE B 321 -15.00 -38.32 10.91
C ILE B 321 -14.60 -37.13 10.07
N LEU B 322 -13.36 -37.12 9.57
CA LEU B 322 -12.92 -36.03 8.71
C LEU B 322 -13.61 -36.05 7.34
N LYS B 323 -14.30 -37.13 6.99
CA LYS B 323 -14.98 -37.17 5.71
C LYS B 323 -16.37 -36.56 5.78
N GLU B 324 -17.10 -36.79 6.90
CA GLU B 324 -18.44 -36.27 7.13
C GLU B 324 -18.49 -34.76 6.91
N PRO B 325 -19.60 -34.22 6.43
CA PRO B 325 -19.68 -32.77 6.25
C PRO B 325 -19.83 -32.03 7.57
N VAL B 326 -19.32 -30.79 7.60
CA VAL B 326 -19.40 -29.98 8.80
C VAL B 326 -20.86 -29.75 9.16
N HIS B 327 -21.21 -30.05 10.40
CA HIS B 327 -22.58 -29.90 10.84
C HIS B 327 -22.87 -28.47 11.32
N GLY B 328 -24.05 -27.97 10.96
CA GLY B 328 -24.55 -26.75 11.56
C GLY B 328 -24.00 -25.46 11.02
N VAL B 329 -23.82 -25.36 9.70
CA VAL B 329 -23.22 -24.19 9.09
C VAL B 329 -24.25 -23.59 8.15
N TYR B 330 -24.78 -22.43 8.51
CA TYR B 330 -25.83 -21.80 7.73
C TYR B 330 -25.35 -20.46 7.23
N TYR B 331 -25.60 -20.18 5.95
CA TYR B 331 -25.20 -18.91 5.38
C TYR B 331 -26.02 -17.76 5.97
N ASP B 332 -25.33 -16.73 6.45
CA ASP B 332 -25.95 -15.52 6.95
C ASP B 332 -25.77 -14.38 5.95
N PRO B 333 -26.81 -13.99 5.22
CA PRO B 333 -26.66 -12.85 4.28
C PRO B 333 -26.29 -11.54 4.95
N SER B 334 -26.63 -11.36 6.23
CA SER B 334 -26.32 -10.14 6.97
C SER B 334 -24.89 -10.08 7.50
N LYS B 335 -24.05 -11.06 7.20
CA LYS B 335 -22.67 -11.02 7.63
C LYS B 335 -21.75 -11.15 6.42
N ASP B 336 -20.53 -10.65 6.57
CA ASP B 336 -19.58 -10.78 5.48
C ASP B 336 -19.05 -12.20 5.39
N LEU B 337 -18.53 -12.55 4.22
CA LEU B 337 -17.83 -13.79 3.98
C LEU B 337 -16.34 -13.59 4.19
N ILE B 338 -15.77 -14.27 5.19
CA ILE B 338 -14.32 -14.33 5.35
C ILE B 338 -13.73 -15.42 4.45
N ALA B 339 -12.66 -15.09 3.75
CA ALA B 339 -11.89 -16.06 2.99
C ALA B 339 -10.44 -15.98 3.45
N GLU B 340 -9.99 -16.99 4.17
CA GLU B 340 -8.58 -17.08 4.51
C GLU B 340 -7.88 -17.88 3.43
N ILE B 341 -6.67 -17.45 3.08
CA ILE B 341 -5.80 -18.18 2.17
C ILE B 341 -4.51 -18.51 2.90
N GLN B 342 -4.01 -19.72 2.69
CA GLN B 342 -2.68 -20.12 3.15
C GLN B 342 -1.84 -20.48 1.95
N LYS B 343 -0.62 -19.93 1.89
CA LYS B 343 0.37 -20.38 0.92
C LYS B 343 1.01 -21.67 1.45
N GLN B 344 0.82 -22.77 0.74
CA GLN B 344 1.38 -24.04 1.15
C GLN B 344 2.73 -24.33 0.50
N GLY B 345 3.25 -23.42 -0.31
CA GLY B 345 4.50 -23.60 -1.03
C GLY B 345 4.32 -24.38 -2.32
N GLN B 346 5.28 -24.19 -3.23
CA GLN B 346 5.33 -24.90 -4.52
C GLN B 346 4.06 -24.69 -5.31
N GLY B 347 3.58 -23.45 -5.34
CA GLY B 347 2.38 -23.11 -6.09
C GLY B 347 1.11 -23.75 -5.60
N GLN B 348 1.02 -24.07 -4.30
CA GLN B 348 -0.17 -24.68 -3.71
C GLN B 348 -0.78 -23.70 -2.73
N TRP B 349 -2.10 -23.54 -2.79
CA TRP B 349 -2.76 -22.56 -1.93
C TRP B 349 -4.01 -23.20 -1.39
N THR B 350 -4.23 -23.08 -0.09
CA THR B 350 -5.46 -23.56 0.49
C THR B 350 -6.29 -22.36 0.91
N TYR B 351 -7.60 -22.58 1.01
CA TYR B 351 -8.46 -21.47 1.39
C TYR B 351 -9.69 -22.00 2.09
N GLN B 352 -10.24 -21.16 2.96
CA GLN B 352 -11.50 -21.44 3.62
C GLN B 352 -12.41 -20.22 3.53
N ILE B 353 -13.70 -20.47 3.35
CA ILE B 353 -14.72 -19.43 3.27
C ILE B 353 -15.67 -19.72 4.41
N TYR B 354 -15.68 -18.82 5.40
CA TYR B 354 -16.45 -18.98 6.63
C TYR B 354 -17.01 -17.61 7.03
N GLN B 355 -17.96 -17.60 7.96
CA GLN B 355 -18.45 -16.35 8.53
C GLN B 355 -18.26 -16.25 10.03
N GLU B 356 -18.27 -17.37 10.74
CA GLU B 356 -17.93 -17.39 12.14
C GLU B 356 -16.83 -18.43 12.29
N PRO B 357 -15.88 -18.21 13.20
CA PRO B 357 -14.69 -19.08 13.24
C PRO B 357 -15.07 -20.54 13.42
N PHE B 358 -14.49 -21.38 12.55
CA PHE B 358 -14.61 -22.84 12.45
C PHE B 358 -15.89 -23.27 11.75
N LYS B 359 -16.74 -22.35 11.33
CA LYS B 359 -17.95 -22.71 10.60
C LYS B 359 -17.71 -22.50 9.10
N ASN B 360 -16.96 -23.43 8.52
CA ASN B 360 -16.53 -23.31 7.13
C ASN B 360 -17.69 -23.60 6.20
N LEU B 361 -18.10 -22.58 5.45
CA LEU B 361 -19.04 -22.81 4.36
C LEU B 361 -18.41 -23.58 3.22
N LYS B 362 -17.12 -23.34 2.96
CA LYS B 362 -16.43 -24.06 1.91
C LYS B 362 -14.94 -24.06 2.21
N THR B 363 -14.26 -25.11 1.80
CA THR B 363 -12.80 -25.13 1.80
C THR B 363 -12.33 -25.57 0.44
N GLY B 364 -11.14 -25.14 0.06
CA GLY B 364 -10.66 -25.50 -1.25
C GLY B 364 -9.18 -25.30 -1.35
N LYS B 365 -8.68 -25.53 -2.55
CA LYS B 365 -7.29 -25.27 -2.86
C LYS B 365 -7.22 -24.72 -4.27
N TYR B 366 -6.16 -23.97 -4.52
CA TYR B 366 -5.73 -23.55 -5.84
C TYR B 366 -4.35 -24.15 -6.05
N ALA B 367 -4.21 -25.03 -7.04
CA ALA B 367 -2.97 -25.75 -7.27
C ALA B 367 -2.50 -25.47 -8.68
N ARG B 368 -1.73 -24.40 -8.85
CA ARG B 368 -1.03 -24.10 -10.10
C ARG B 368 0.37 -24.71 -9.99
N MET B 369 0.53 -25.93 -10.49
CA MET B 369 1.78 -26.68 -10.36
C MET B 369 2.86 -26.06 -11.23
N ARG B 370 3.75 -25.29 -10.61
CA ARG B 370 4.82 -24.60 -11.32
C ARG B 370 5.93 -24.29 -10.34
N GLY B 371 7.17 -24.57 -10.72
CA GLY B 371 8.29 -24.24 -9.88
C GLY B 371 9.32 -23.32 -10.52
N ALA B 372 9.45 -23.40 -11.84
CA ALA B 372 10.61 -22.83 -12.52
C ALA B 372 10.68 -21.31 -12.36
N HIS B 373 9.59 -20.60 -12.65
CA HIS B 373 9.57 -19.15 -12.49
C HIS B 373 8.15 -18.76 -12.08
N THR B 374 7.91 -18.70 -10.77
CA THR B 374 6.56 -18.54 -10.23
C THR B 374 6.46 -17.24 -9.44
N ASN B 375 5.31 -16.62 -9.56
CA ASN B 375 5.07 -15.29 -9.01
C ASN B 375 4.00 -15.43 -7.92
N ASP B 376 4.46 -15.53 -6.66
CA ASP B 376 3.55 -15.68 -5.53
C ASP B 376 2.44 -14.66 -5.56
N VAL B 377 2.76 -13.42 -5.92
CA VAL B 377 1.73 -12.39 -5.92
C VAL B 377 0.74 -12.62 -7.05
N LYS B 378 1.23 -12.91 -8.26
CA LYS B 378 0.33 -13.22 -9.35
C LYS B 378 -0.55 -14.41 -9.02
N GLN B 379 0.05 -15.49 -8.53
CA GLN B 379 -0.74 -16.65 -8.10
C GLN B 379 -1.76 -16.23 -7.08
N LEU B 380 -1.35 -15.43 -6.09
CA LEU B 380 -2.27 -15.09 -5.02
C LEU B 380 -3.45 -14.27 -5.55
N THR B 381 -3.20 -13.38 -6.53
CA THR B 381 -4.34 -12.61 -7.04
C THR B 381 -5.20 -13.48 -7.94
N GLU B 382 -4.60 -14.46 -8.61
CA GLU B 382 -5.42 -15.43 -9.34
C GLU B 382 -6.30 -16.22 -8.40
N ALA B 383 -5.73 -16.66 -7.26
CA ALA B 383 -6.52 -17.40 -6.28
C ALA B 383 -7.65 -16.55 -5.75
N VAL B 384 -7.35 -15.29 -5.45
CA VAL B 384 -8.37 -14.36 -4.95
C VAL B 384 -9.50 -14.21 -5.95
N GLN B 385 -9.17 -14.08 -7.25
CA GLN B 385 -10.21 -13.95 -8.25
C GLN B 385 -11.03 -15.22 -8.38
N LYS B 386 -10.37 -16.38 -8.32
CA LYS B 386 -11.11 -17.64 -8.40
C LYS B 386 -12.06 -17.78 -7.21
N ILE B 387 -11.56 -17.54 -6.00
CA ILE B 387 -12.40 -17.66 -4.82
C ILE B 387 -13.56 -16.68 -4.88
N THR B 388 -13.30 -15.45 -5.32
CA THR B 388 -14.38 -14.48 -5.42
C THR B 388 -15.42 -14.94 -6.44
N THR B 389 -14.97 -15.39 -7.61
CA THR B 389 -15.90 -15.91 -8.60
C THR B 389 -16.79 -16.97 -7.99
N GLU B 390 -16.17 -17.94 -7.30
CA GLU B 390 -16.95 -19.01 -6.68
C GLU B 390 -17.96 -18.45 -5.69
N SER B 391 -17.55 -17.48 -4.85
CA SER B 391 -18.47 -16.94 -3.87
C SER B 391 -19.61 -16.18 -4.53
N ILE B 392 -19.31 -15.38 -5.55
CA ILE B 392 -20.37 -14.70 -6.29
C ILE B 392 -21.36 -15.72 -6.83
N VAL B 393 -20.87 -16.82 -7.38
CA VAL B 393 -21.75 -17.84 -7.94
C VAL B 393 -22.59 -18.51 -6.85
N ILE B 394 -21.95 -18.92 -5.76
CA ILE B 394 -22.63 -19.69 -4.73
C ILE B 394 -23.61 -18.81 -3.95
N TRP B 395 -23.13 -17.67 -3.43
CA TRP B 395 -23.89 -16.82 -2.53
C TRP B 395 -24.21 -15.43 -3.07
N GLY B 396 -23.64 -15.01 -4.20
CA GLY B 396 -23.86 -13.66 -4.70
C GLY B 396 -23.26 -12.56 -3.86
N LYS B 397 -22.18 -12.84 -3.14
CA LYS B 397 -21.54 -11.86 -2.28
C LYS B 397 -20.04 -11.95 -2.53
N THR B 398 -19.30 -10.80 -2.29
CA THR B 398 -17.91 -11.21 -2.41
C THR B 398 -17.29 -11.37 -1.03
N PRO B 399 -16.30 -12.24 -0.89
CA PRO B 399 -15.66 -12.41 0.41
C PRO B 399 -14.78 -11.23 0.77
N LYS B 400 -14.61 -11.04 2.07
CA LYS B 400 -13.50 -10.28 2.63
C LYS B 400 -12.29 -11.23 2.78
N PHE B 401 -11.19 -10.89 2.14
CA PHE B 401 -10.04 -11.79 2.13
C PHE B 401 -9.06 -11.45 3.24
N LYS B 402 -8.59 -12.49 3.94
CA LYS B 402 -7.43 -12.39 4.83
C LYS B 402 -6.24 -12.90 4.03
N LEU B 403 -5.41 -11.96 3.54
CA LEU B 403 -4.34 -12.29 2.59
C LEU B 403 -3.02 -12.49 3.30
N PRO B 404 -2.37 -13.61 3.07
CA PRO B 404 -1.05 -13.87 3.66
C PRO B 404 0.06 -13.19 2.88
N ILE B 405 0.11 -11.86 2.95
CA ILE B 405 1.11 -11.10 2.23
C ILE B 405 1.34 -9.79 2.96
N GLN B 406 2.52 -9.18 2.75
CA GLN B 406 2.77 -7.84 3.24
C GLN B 406 1.90 -6.86 2.47
N LYS B 407 1.34 -5.87 3.19
CA LYS B 407 0.43 -4.93 2.55
C LYS B 407 1.10 -4.23 1.36
N GLU B 408 2.38 -3.87 1.51
CA GLU B 408 3.07 -3.11 0.47
C GLU B 408 3.36 -3.96 -0.76
N THR B 409 3.84 -5.19 -0.58
CA THR B 409 4.07 -6.08 -1.73
C THR B 409 2.79 -6.26 -2.54
N TRP B 410 1.71 -6.59 -1.84
CA TRP B 410 0.40 -6.71 -2.47
C TRP B 410 0.05 -5.47 -3.26
N GLU B 411 0.11 -4.30 -2.60
CA GLU B 411 -0.40 -3.11 -3.25
C GLU B 411 0.52 -2.65 -4.38
N THR B 412 1.82 -2.96 -4.27
CA THR B 412 2.73 -2.72 -5.37
C THR B 412 2.31 -3.48 -6.63
N TRP B 413 1.94 -4.75 -6.50
CA TRP B 413 1.84 -5.55 -7.73
C TRP B 413 0.47 -6.10 -8.11
N TRP B 414 -0.56 -6.03 -7.27
CA TRP B 414 -1.74 -6.82 -7.58
C TRP B 414 -2.48 -6.30 -8.82
N THR B 415 -2.39 -5.00 -9.12
CA THR B 415 -3.09 -4.49 -10.29
C THR B 415 -2.49 -5.01 -11.59
N GLU B 416 -1.27 -5.54 -11.54
CA GLU B 416 -0.68 -6.06 -12.77
C GLU B 416 -1.35 -7.34 -13.23
N TYR B 417 -2.10 -8.01 -12.36
CA TYR B 417 -2.69 -9.30 -12.68
C TYR B 417 -4.21 -9.34 -12.51
N TRP B 418 -4.84 -8.24 -12.12
CA TRP B 418 -6.29 -8.25 -12.01
C TRP B 418 -6.96 -8.35 -13.37
N GLN B 419 -8.02 -9.13 -13.44
CA GLN B 419 -8.74 -9.36 -14.69
C GLN B 419 -10.23 -9.20 -14.54
N ALA B 420 -10.73 -8.99 -13.32
CA ALA B 420 -12.15 -8.93 -13.02
C ALA B 420 -12.59 -7.48 -12.84
N THR B 421 -13.88 -7.24 -13.06
CA THR B 421 -14.39 -5.87 -13.00
C THR B 421 -14.76 -5.45 -11.59
N TRP B 422 -14.87 -6.41 -10.66
CA TRP B 422 -15.08 -6.13 -9.26
C TRP B 422 -13.77 -6.30 -8.50
N ILE B 423 -13.78 -5.86 -7.25
CA ILE B 423 -12.61 -5.88 -6.38
C ILE B 423 -13.12 -6.20 -4.99
N PRO B 424 -12.65 -7.27 -4.36
CA PRO B 424 -13.12 -7.61 -3.02
C PRO B 424 -12.42 -6.81 -1.93
N GLU B 425 -13.11 -6.71 -0.80
CA GLU B 425 -12.45 -6.22 0.40
C GLU B 425 -11.29 -7.14 0.75
N TRP B 426 -10.28 -6.58 1.41
CA TRP B 426 -9.24 -7.44 1.92
C TRP B 426 -8.54 -6.76 3.07
N GLU B 427 -7.91 -7.59 3.89
CA GLU B 427 -7.00 -7.17 4.94
C GLU B 427 -5.78 -8.06 4.82
N PHE B 428 -4.70 -7.67 5.49
CA PHE B 428 -3.44 -8.38 5.40
C PHE B 428 -3.13 -9.02 6.76
N VAL B 429 -2.92 -10.33 6.75
CA VAL B 429 -2.59 -11.09 7.96
C VAL B 429 -1.12 -11.43 7.90
N ASN B 430 -0.49 -11.47 9.06
CA ASN B 430 0.89 -11.90 9.16
C ASN B 430 0.85 -13.20 9.96
N THR B 431 0.03 -14.11 9.44
CA THR B 431 -0.65 -15.15 10.19
C THR B 431 0.21 -16.41 10.33
N PRO B 432 -0.13 -17.31 11.26
CA PRO B 432 0.87 -18.22 11.81
C PRO B 432 1.06 -19.46 10.95
N PRO B 433 2.21 -20.14 11.08
CA PRO B 433 2.41 -21.40 10.35
C PRO B 433 1.61 -22.58 10.89
N LEU B 434 0.90 -22.42 12.00
CA LEU B 434 0.16 -23.55 12.57
C LEU B 434 -1.03 -23.94 11.69
N VAL B 435 -1.97 -23.00 11.49
CA VAL B 435 -3.10 -23.26 10.59
C VAL B 435 -2.61 -23.60 9.20
N LYS B 436 -1.50 -22.98 8.76
CA LYS B 436 -0.86 -23.37 7.51
C LYS B 436 -0.60 -24.87 7.48
N LEU B 437 -0.01 -25.41 8.56
CA LEU B 437 0.28 -26.84 8.65
C LEU B 437 -1.00 -27.69 8.72
N TRP B 438 -2.07 -27.14 9.27
CA TRP B 438 -3.26 -27.98 9.45
C TRP B 438 -4.01 -28.24 8.15
N TYR B 439 -3.92 -27.34 7.15
CA TYR B 439 -4.70 -27.50 5.92
C TYR B 439 -3.93 -28.15 4.78
N GLN B 440 -2.61 -28.35 4.92
CA GLN B 440 -1.79 -28.97 3.89
C GLN B 440 -2.27 -30.37 3.52
#